data_6F5W
#
_entry.id   6F5W
#
_cell.length_a   80.571
_cell.length_b   80.571
_cell.length_c   224.799
_cell.angle_alpha   90.00
_cell.angle_beta   90.00
_cell.angle_gamma   120.00
#
_symmetry.space_group_name_H-M   'P 32 2 1'
#
loop_
_entity.id
_entity.type
_entity.pdbx_description
1 polymer 'lectin PHL'
2 non-polymer 'SODIUM ION'
3 non-polymer 'CHLORIDE ION'
4 non-polymer 'DIMETHYL SULFOXIDE'
5 non-polymer 'propadienyl 6-deoxy-alpha-L-galactopyranoside'
6 water water
#
_entity_poly.entity_id   1
_entity_poly.type   'polypeptide(L)'
_entity_poly.pdbx_seq_one_letter_code
;MQPINTSNPDNTASYVKDEVEITSSTIALSEIVSVVNTSDGRLEVFGVGTDKAVWHNRQMAPHTGSPWSGWSSLKGQVTS
KPVVYINTDGRLEVFARGTDNALWHIWQTATNAGWSNWQSLGGVITSNPAIYANTDGRLEVFARGADNALWHISQTTAHS
GPWSSWASLNGVITSNPTVHINSDGRLEVFARGTDNALWHIWQTAPDSNLWSSWESLNGIITSDPVVIDTADGRLEVFAR
GADNALWHIWQTISHSGPWSGWQSLNGVITSAPAVAKNCDNRLEAFARGTDNALWHTWQTVSHSGPWSSWQSLNGVITSA
PTAVRDADGRLEVFARGTDNALWLTWQTASSWSPWISLGGVLIDASAIK
;
_entity_poly.pdbx_strand_id   A,B
#
# COMPACT_ATOMS: atom_id res chain seq x y z
N THR A 26 10.22 -17.17 -29.00
CA THR A 26 11.12 -16.32 -28.15
C THR A 26 10.55 -14.93 -27.76
N ILE A 27 11.19 -14.36 -26.75
CA ILE A 27 10.83 -13.10 -26.14
C ILE A 27 12.12 -12.36 -25.86
N ALA A 28 12.01 -11.05 -25.70
CA ALA A 28 13.14 -10.24 -25.31
C ALA A 28 13.82 -10.78 -24.04
N LEU A 29 15.11 -10.50 -23.92
CA LEU A 29 15.89 -10.90 -22.78
C LEU A 29 15.22 -10.50 -21.44
N SER A 30 15.14 -11.44 -20.50
CA SER A 30 14.46 -11.27 -19.22
C SER A 30 15.25 -10.57 -18.12
N GLU A 31 14.51 -10.17 -17.08
CA GLU A 31 15.10 -9.72 -15.82
C GLU A 31 15.82 -10.91 -15.22
N ILE A 32 16.89 -10.63 -14.49
CA ILE A 32 17.78 -11.68 -13.88
C ILE A 32 17.44 -11.94 -12.39
N VAL A 33 16.73 -11.02 -11.76
CA VAL A 33 16.31 -11.16 -10.37
C VAL A 33 14.85 -10.75 -10.20
N SER A 34 14.22 -11.21 -9.12
CA SER A 34 12.99 -10.59 -8.62
C SER A 34 13.33 -9.88 -7.33
N VAL A 35 12.61 -8.84 -7.03
CA VAL A 35 12.97 -7.94 -5.92
C VAL A 35 11.71 -7.64 -5.12
N VAL A 36 11.85 -7.43 -3.82
CA VAL A 36 10.74 -7.04 -2.96
C VAL A 36 11.23 -5.97 -2.00
N ASN A 37 10.35 -5.01 -1.70
CA ASN A 37 10.51 -4.09 -0.58
C ASN A 37 9.83 -4.77 0.62
N THR A 38 10.59 -5.21 1.61
CA THR A 38 10.08 -6.06 2.71
C THR A 38 9.15 -5.30 3.68
N SER A 39 8.58 -6.04 4.62
CA SER A 39 7.71 -5.50 5.65
C SER A 39 8.40 -4.47 6.53
N ASP A 40 9.72 -4.61 6.68
CA ASP A 40 10.54 -3.58 7.35
C ASP A 40 11.32 -2.63 6.41
N GLY A 41 10.87 -2.52 5.18
CA GLY A 41 11.32 -1.47 4.27
C GLY A 41 12.65 -1.70 3.56
N ARG A 42 13.17 -2.91 3.63
CA ARG A 42 14.46 -3.22 2.95
C ARG A 42 14.23 -3.92 1.61
N LEU A 43 15.11 -3.62 0.64
CA LEU A 43 15.13 -4.35 -0.60
C LEU A 43 15.82 -5.69 -0.46
N GLU A 44 15.20 -6.73 -1.01
CA GLU A 44 15.83 -8.04 -1.09
C GLU A 44 15.65 -8.60 -2.49
N VAL A 45 16.75 -9.09 -3.08
CA VAL A 45 16.77 -9.56 -4.47
C VAL A 45 17.07 -11.05 -4.51
N PHE A 46 16.42 -11.74 -5.45
CA PHE A 46 16.46 -13.20 -5.54
C PHE A 46 16.78 -13.59 -6.98
N GLY A 47 17.78 -14.47 -7.16
CA GLY A 47 18.18 -14.92 -8.49
C GLY A 47 18.72 -16.33 -8.47
N VAL A 48 19.25 -16.77 -9.59
CA VAL A 48 19.73 -18.14 -9.69
C VAL A 48 21.24 -18.13 -9.90
N GLY A 49 21.89 -19.00 -9.12
CA GLY A 49 23.32 -19.16 -9.14
C GLY A 49 23.74 -20.20 -10.17
N THR A 50 25.06 -20.33 -10.34
CA THR A 50 25.66 -21.28 -11.26
C THR A 50 25.43 -22.72 -10.82
N ASP A 51 25.15 -22.94 -9.55
CA ASP A 51 24.72 -24.26 -9.03
C ASP A 51 23.19 -24.56 -9.14
N LYS A 52 22.45 -23.69 -9.81
CA LYS A 52 20.98 -23.78 -9.92
C LYS A 52 20.18 -23.58 -8.62
N ALA A 53 20.84 -23.16 -7.53
CA ALA A 53 20.16 -22.78 -6.30
C ALA A 53 19.67 -21.36 -6.44
N VAL A 54 18.68 -21.05 -5.61
CA VAL A 54 18.20 -19.68 -5.47
C VAL A 54 19.12 -19.01 -4.48
N TRP A 55 19.69 -17.88 -4.88
CA TRP A 55 20.46 -17.03 -3.99
C TRP A 55 19.75 -15.69 -3.81
N HIS A 56 20.03 -15.05 -2.68
CA HIS A 56 19.46 -13.75 -2.35
C HIS A 56 20.48 -12.80 -1.74
N ASN A 57 20.17 -11.52 -1.83
CA ASN A 57 21.06 -10.46 -1.34
C ASN A 57 20.13 -9.42 -0.79
N ARG A 58 20.49 -8.87 0.38
CA ARG A 58 19.54 -8.05 1.20
C ARG A 58 20.17 -6.74 1.64
N GLN A 59 19.41 -5.67 1.60
CA GLN A 59 19.84 -4.43 2.27
C GLN A 59 19.85 -4.65 3.78
N MET A 60 20.88 -4.12 4.42
CA MET A 60 20.94 -4.11 5.89
C MET A 60 19.95 -3.15 6.49
N ALA A 61 19.73 -2.03 5.80
CA ALA A 61 18.98 -0.90 6.34
C ALA A 61 18.01 -0.40 5.30
N PRO A 62 16.88 0.18 5.75
CA PRO A 62 15.83 0.60 4.83
C PRO A 62 16.08 2.00 4.21
N HIS A 63 17.20 2.14 3.48
CA HIS A 63 17.59 3.42 2.89
C HIS A 63 18.36 3.20 1.62
N THR A 64 18.27 4.20 0.74
CA THR A 64 19.05 4.22 -0.49
C THR A 64 20.52 4.19 -0.14
N GLY A 65 21.24 3.23 -0.71
CA GLY A 65 22.69 3.14 -0.47
C GLY A 65 23.07 2.37 0.79
N SER A 66 22.10 1.70 1.40
CA SER A 66 22.39 0.76 2.50
C SER A 66 23.49 -0.19 2.09
N PRO A 67 24.30 -0.65 3.05
CA PRO A 67 25.13 -1.81 2.74
C PRO A 67 24.28 -3.05 2.43
N TRP A 68 24.86 -3.99 1.70
CA TRP A 68 24.20 -5.26 1.36
C TRP A 68 24.82 -6.45 2.08
N SER A 69 24.02 -7.47 2.30
CA SER A 69 24.45 -8.71 2.91
C SER A 69 25.56 -9.44 2.15
N GLY A 70 25.55 -9.33 0.82
CA GLY A 70 26.26 -10.29 0.01
C GLY A 70 25.34 -11.46 -0.29
N TRP A 71 25.69 -12.21 -1.34
CA TRP A 71 24.85 -13.33 -1.79
C TRP A 71 24.85 -14.50 -0.80
N SER A 72 23.68 -15.07 -0.57
CA SER A 72 23.47 -16.13 0.41
C SER A 72 22.48 -17.11 -0.22
N SER A 73 22.73 -18.39 -0.08
CA SER A 73 21.94 -19.40 -0.81
C SER A 73 20.74 -19.88 -0.03
N LEU A 74 19.61 -20.01 -0.71
CA LEU A 74 18.43 -20.67 -0.17
C LEU A 74 18.34 -22.10 -0.66
N LYS A 75 19.39 -22.55 -1.32
CA LYS A 75 19.50 -23.92 -1.81
C LYS A 75 18.39 -24.21 -2.86
N GLY A 76 17.96 -25.47 -2.96
CA GLY A 76 17.14 -25.93 -4.07
C GLY A 76 17.86 -26.00 -5.42
N GLN A 77 17.15 -26.57 -6.38
CA GLN A 77 17.61 -26.65 -7.74
C GLN A 77 16.42 -26.24 -8.58
N VAL A 78 16.53 -25.12 -9.28
CA VAL A 78 15.38 -24.56 -9.98
C VAL A 78 15.62 -24.45 -11.46
N THR A 79 14.50 -24.44 -12.21
CA THR A 79 14.48 -24.40 -13.67
C THR A 79 13.56 -23.27 -14.20
N SER A 80 13.31 -22.28 -13.35
CA SER A 80 12.63 -21.06 -13.73
C SER A 80 13.30 -19.92 -13.01
N LYS A 81 12.92 -18.71 -13.40
CA LYS A 81 13.20 -17.54 -12.62
C LYS A 81 12.48 -17.78 -11.27
N PRO A 82 13.15 -17.49 -10.14
CA PRO A 82 12.51 -17.51 -8.82
C PRO A 82 11.81 -16.18 -8.59
N VAL A 83 10.60 -16.25 -8.06
CA VAL A 83 9.79 -15.06 -7.89
C VAL A 83 9.37 -14.95 -6.44
N VAL A 84 9.79 -13.86 -5.81
CA VAL A 84 9.45 -13.58 -4.42
C VAL A 84 8.13 -12.80 -4.37
N TYR A 85 7.31 -13.11 -3.39
CA TYR A 85 6.11 -12.34 -3.10
C TYR A 85 5.97 -12.20 -1.59
N ILE A 86 5.34 -11.11 -1.15
CA ILE A 86 5.10 -10.93 0.29
C ILE A 86 3.64 -11.24 0.65
N ASN A 87 3.45 -12.20 1.53
CA ASN A 87 2.13 -12.49 2.11
C ASN A 87 1.56 -11.27 2.84
N THR A 88 0.23 -11.27 3.05
CA THR A 88 -0.42 -10.13 3.70
C THR A 88 -0.06 -9.98 5.19
N ASP A 89 0.58 -10.99 5.78
CA ASP A 89 1.16 -10.93 7.13
C ASP A 89 2.65 -10.62 7.14
N GLY A 90 3.19 -10.24 5.98
CA GLY A 90 4.56 -9.77 5.87
C GLY A 90 5.59 -10.85 5.61
N ARG A 91 5.20 -12.12 5.57
CA ARG A 91 6.15 -13.19 5.34
C ARG A 91 6.48 -13.30 3.85
N LEU A 92 7.77 -13.31 3.53
CA LEU A 92 8.24 -13.57 2.17
C LEU A 92 8.02 -15.02 1.78
N GLU A 93 7.71 -15.21 0.50
CA GLU A 93 7.52 -16.54 -0.06
C GLU A 93 8.09 -16.51 -1.48
N VAL A 94 8.90 -17.50 -1.80
CA VAL A 94 9.59 -17.59 -3.09
C VAL A 94 9.05 -18.80 -3.85
N PHE A 95 8.70 -18.59 -5.10
CA PHE A 95 8.14 -19.62 -5.97
C PHE A 95 9.10 -19.86 -7.14
N ALA A 96 9.29 -21.12 -7.51
CA ALA A 96 10.14 -21.47 -8.64
C ALA A 96 9.77 -22.87 -9.15
N ARG A 97 9.96 -23.09 -10.44
CA ARG A 97 9.83 -24.43 -11.01
C ARG A 97 11.01 -25.29 -10.57
N GLY A 98 10.72 -26.53 -10.19
CA GLY A 98 11.74 -27.51 -9.88
C GLY A 98 12.25 -28.29 -11.07
N THR A 99 13.21 -29.16 -10.78
CA THR A 99 13.83 -30.02 -11.77
C THR A 99 12.88 -31.10 -12.25
N ASP A 100 11.87 -31.40 -11.45
CA ASP A 100 10.75 -32.23 -11.86
C ASP A 100 9.63 -31.48 -12.60
N ASN A 101 9.85 -30.22 -12.94
CA ASN A 101 8.80 -29.33 -13.52
C ASN A 101 7.58 -29.03 -12.68
N ALA A 102 7.59 -29.41 -11.41
CA ALA A 102 6.55 -28.98 -10.50
C ALA A 102 6.81 -27.54 -10.04
N LEU A 103 5.76 -26.93 -9.52
CA LEU A 103 5.87 -25.68 -8.80
C LEU A 103 6.37 -25.98 -7.38
N TRP A 104 7.46 -25.33 -7.00
CA TRP A 104 8.00 -25.44 -5.64
C TRP A 104 7.96 -24.07 -4.97
N HIS A 105 7.97 -24.09 -3.65
CA HIS A 105 8.02 -22.88 -2.87
C HIS A 105 8.73 -23.06 -1.53
N ILE A 106 9.16 -21.92 -0.99
CA ILE A 106 9.85 -21.82 0.28
C ILE A 106 9.35 -20.51 0.90
N TRP A 107 9.19 -20.46 2.22
CA TRP A 107 8.61 -19.28 2.88
C TRP A 107 9.24 -19.01 4.20
N GLN A 108 9.14 -17.74 4.64
CA GLN A 108 9.52 -17.38 5.98
C GLN A 108 8.49 -17.93 6.92
N THR A 109 8.92 -18.56 8.01
CA THR A 109 7.97 -19.19 8.95
C THR A 109 7.36 -18.15 9.85
N ALA A 110 8.08 -17.04 9.98
CA ALA A 110 7.55 -15.84 10.61
C ALA A 110 8.17 -14.66 9.93
N THR A 111 7.50 -13.52 10.06
CA THR A 111 7.89 -12.32 9.34
C THR A 111 9.35 -11.98 9.62
N ASN A 112 10.13 -11.86 8.55
CA ASN A 112 11.52 -11.51 8.68
C ASN A 112 12.37 -12.54 9.48
N ALA A 113 11.93 -13.80 9.57
CA ALA A 113 12.60 -14.81 10.40
C ALA A 113 13.14 -15.95 9.51
N GLY A 114 13.21 -17.17 10.04
CA GLY A 114 13.80 -18.31 9.32
C GLY A 114 12.92 -18.81 8.18
N TRP A 115 13.52 -19.59 7.30
CA TRP A 115 12.82 -20.10 6.12
C TRP A 115 12.40 -21.54 6.35
N SER A 116 11.30 -21.93 5.70
CA SER A 116 10.86 -23.30 5.69
C SER A 116 11.84 -24.12 4.83
N ASN A 117 11.60 -25.42 4.78
CA ASN A 117 12.17 -26.26 3.74
C ASN A 117 11.43 -26.00 2.39
N TRP A 118 12.11 -26.31 1.30
CA TRP A 118 11.49 -26.34 0.02
C TRP A 118 10.39 -27.40 0.01
N GLN A 119 9.24 -27.06 -0.58
CA GLN A 119 8.08 -27.95 -0.61
C GLN A 119 7.45 -27.86 -2.00
N SER A 120 6.96 -28.99 -2.50
CA SER A 120 6.36 -29.06 -3.81
C SER A 120 4.87 -28.76 -3.76
N LEU A 121 4.41 -27.97 -4.74
CA LEU A 121 2.97 -27.74 -4.95
C LEU A 121 2.50 -28.56 -6.16
N GLY A 122 3.33 -29.50 -6.62
CA GLY A 122 2.90 -30.41 -7.69
C GLY A 122 2.70 -29.73 -9.03
N GLY A 123 1.90 -30.34 -9.89
CA GLY A 123 1.67 -29.83 -11.24
C GLY A 123 2.84 -30.01 -12.18
N VAL A 124 2.65 -29.60 -13.41
CA VAL A 124 3.71 -29.55 -14.40
C VAL A 124 3.57 -28.25 -15.11
N ILE A 125 4.59 -27.40 -14.99
CA ILE A 125 4.50 -26.06 -15.52
C ILE A 125 5.62 -25.78 -16.48
N THR A 126 5.36 -24.86 -17.40
CA THR A 126 6.25 -24.54 -18.50
C THR A 126 6.50 -23.05 -18.67
N SER A 127 6.27 -22.28 -17.60
CA SER A 127 6.68 -20.89 -17.54
C SER A 127 7.21 -20.57 -16.15
N ASN A 128 7.69 -19.34 -16.01
CA ASN A 128 7.93 -18.78 -14.71
C ASN A 128 6.55 -18.64 -14.01
N PRO A 129 6.54 -18.73 -12.68
CA PRO A 129 5.30 -18.46 -11.96
C PRO A 129 5.03 -16.96 -11.79
N ALA A 130 3.75 -16.63 -11.62
CA ALA A 130 3.31 -15.24 -11.40
C ALA A 130 2.36 -15.29 -10.25
N ILE A 131 2.50 -14.34 -9.32
CA ILE A 131 1.82 -14.43 -8.01
C ILE A 131 1.14 -13.11 -7.70
N TYR A 132 -0.06 -13.21 -7.11
CA TYR A 132 -0.66 -12.06 -6.46
C TYR A 132 -1.50 -12.49 -5.25
N ALA A 133 -1.69 -11.60 -4.28
CA ALA A 133 -2.65 -11.81 -3.18
C ALA A 133 -4.02 -11.35 -3.59
N ASN A 134 -5.00 -12.23 -3.43
CA ASN A 134 -6.41 -11.85 -3.47
C ASN A 134 -6.77 -10.89 -2.31
N THR A 135 -7.94 -10.30 -2.40
CA THR A 135 -8.37 -9.31 -1.41
C THR A 135 -8.60 -9.95 -0.02
N ASP A 136 -8.79 -11.26 -0.02
CA ASP A 136 -8.95 -12.04 1.22
C ASP A 136 -7.64 -12.61 1.74
N GLY A 137 -6.51 -12.18 1.16
CA GLY A 137 -5.18 -12.56 1.64
C GLY A 137 -4.64 -13.88 1.14
N ARG A 138 -5.42 -14.61 0.34
CA ARG A 138 -4.95 -15.84 -0.28
C ARG A 138 -4.06 -15.55 -1.49
N LEU A 139 -2.82 -16.02 -1.43
CA LEU A 139 -1.93 -15.98 -2.60
C LEU A 139 -2.48 -16.89 -3.68
N GLU A 140 -2.34 -16.43 -4.91
CA GLU A 140 -2.78 -17.21 -6.06
C GLU A 140 -1.61 -17.16 -7.03
N VAL A 141 -1.25 -18.34 -7.55
CA VAL A 141 -0.11 -18.50 -8.43
C VAL A 141 -0.57 -18.97 -9.82
N PHE A 142 0.02 -18.41 -10.86
CA PHE A 142 -0.35 -18.64 -12.24
C PHE A 142 0.89 -19.12 -12.97
N ALA A 143 0.72 -20.10 -13.82
CA ALA A 143 1.81 -20.59 -14.66
C ALA A 143 1.27 -21.27 -15.90
N ARG A 144 2.07 -21.30 -16.95
CA ARG A 144 1.69 -22.07 -18.13
C ARG A 144 1.84 -23.55 -17.79
N GLY A 145 0.97 -24.39 -18.35
CA GLY A 145 1.05 -25.84 -18.16
C GLY A 145 1.75 -26.58 -19.29
N ALA A 146 1.91 -27.89 -19.09
CA ALA A 146 2.32 -28.84 -20.13
C ALA A 146 1.49 -28.72 -21.41
N ASP A 147 0.20 -28.46 -21.26
CA ASP A 147 -0.70 -28.24 -22.40
C ASP A 147 -0.61 -26.85 -23.04
N ASN A 148 0.33 -26.02 -22.60
CA ASN A 148 0.41 -24.60 -23.01
C ASN A 148 -0.74 -23.65 -22.59
N ALA A 149 -1.63 -24.15 -21.75
CA ALA A 149 -2.71 -23.36 -21.18
C ALA A 149 -2.23 -22.62 -19.93
N LEU A 150 -3.04 -21.67 -19.47
CA LEU A 150 -2.79 -20.97 -18.21
C LEU A 150 -3.40 -21.83 -17.12
N TRP A 151 -2.62 -22.08 -16.07
CA TRP A 151 -3.06 -22.82 -14.87
C TRP A 151 -2.86 -21.99 -13.62
N HIS A 152 -3.58 -22.34 -12.57
CA HIS A 152 -3.53 -21.63 -11.30
C HIS A 152 -3.90 -22.51 -10.10
N ILE A 153 -3.46 -22.03 -8.95
CA ILE A 153 -3.56 -22.73 -7.67
C ILE A 153 -3.50 -21.63 -6.62
N SER A 154 -4.17 -21.83 -5.48
CA SER A 154 -4.17 -20.81 -4.42
C SER A 154 -4.12 -21.40 -3.02
N GLN A 155 -3.68 -20.56 -2.07
CA GLN A 155 -3.85 -20.79 -0.65
C GLN A 155 -5.34 -20.94 -0.36
N THR A 156 -5.67 -21.86 0.53
CA THR A 156 -7.07 -22.05 0.91
C THR A 156 -7.52 -21.10 2.00
N THR A 157 -6.61 -20.52 2.77
CA THR A 157 -6.96 -19.48 3.74
C THR A 157 -5.87 -18.42 3.65
N ALA A 158 -6.15 -17.25 4.24
CA ALA A 158 -5.24 -16.12 4.16
C ALA A 158 -3.82 -16.49 4.62
N HIS A 159 -2.83 -16.17 3.78
CA HIS A 159 -1.39 -16.32 4.06
C HIS A 159 -1.05 -17.62 4.71
N SER A 160 -1.61 -18.71 4.19
CA SER A 160 -1.37 -20.00 4.75
C SER A 160 -1.74 -21.12 3.79
N GLY A 161 -1.03 -22.24 3.95
CA GLY A 161 -1.47 -23.50 3.36
C GLY A 161 -2.64 -24.05 4.17
N PRO A 162 -3.22 -25.17 3.76
CA PRO A 162 -2.84 -25.87 2.54
C PRO A 162 -3.37 -25.16 1.30
N TRP A 163 -2.89 -25.64 0.16
CA TRP A 163 -3.23 -25.07 -1.12
C TRP A 163 -4.34 -25.86 -1.79
N SER A 164 -5.04 -25.20 -2.70
CA SER A 164 -6.10 -25.78 -3.47
C SER A 164 -5.54 -26.79 -4.46
N SER A 165 -6.43 -27.49 -5.17
CA SER A 165 -5.99 -28.29 -6.30
C SER A 165 -5.72 -27.32 -7.45
N TRP A 166 -4.88 -27.76 -8.36
CA TRP A 166 -4.61 -27.06 -9.59
C TRP A 166 -5.88 -27.02 -10.48
N ALA A 167 -6.05 -25.95 -11.23
CA ALA A 167 -7.08 -25.86 -12.24
C ALA A 167 -6.60 -25.04 -13.42
N SER A 168 -7.32 -25.09 -14.54
CA SER A 168 -6.90 -24.34 -15.72
C SER A 168 -7.82 -23.21 -16.08
N LEU A 169 -7.22 -22.12 -16.57
CA LEU A 169 -7.93 -21.02 -17.20
C LEU A 169 -7.85 -21.09 -18.72
N ASN A 170 -7.32 -22.22 -19.21
CA ASN A 170 -7.30 -22.55 -20.62
C ASN A 170 -6.50 -21.55 -21.43
N GLY A 171 -6.89 -21.29 -22.67
CA GLY A 171 -6.08 -20.47 -23.55
C GLY A 171 -4.87 -21.26 -24.03
N VAL A 172 -4.10 -20.67 -24.92
CA VAL A 172 -2.79 -21.21 -25.30
C VAL A 172 -1.87 -20.00 -25.33
N ILE A 173 -0.83 -20.01 -24.50
CA ILE A 173 -0.01 -18.81 -24.32
C ILE A 173 1.45 -19.07 -24.68
N THR A 174 2.12 -18.00 -25.13
CA THR A 174 3.48 -18.08 -25.65
C THR A 174 4.46 -17.12 -24.99
N SER A 175 4.10 -16.59 -23.81
CA SER A 175 5.03 -15.81 -22.97
C SER A 175 4.82 -16.28 -21.55
N ASN A 176 5.68 -15.82 -20.66
CA ASN A 176 5.39 -15.93 -19.25
C ASN A 176 4.15 -15.08 -18.95
N PRO A 177 3.24 -15.58 -18.09
CA PRO A 177 2.10 -14.78 -17.68
C PRO A 177 2.49 -13.71 -16.65
N THR A 178 1.74 -12.60 -16.60
CA THR A 178 1.85 -11.65 -15.49
C THR A 178 0.47 -11.34 -14.92
N VAL A 179 0.40 -11.32 -13.59
CA VAL A 179 -0.88 -11.04 -12.89
C VAL A 179 -0.81 -9.72 -12.15
N HIS A 180 -1.93 -9.03 -12.11
CA HIS A 180 -2.06 -7.86 -11.27
C HIS A 180 -3.42 -7.88 -10.63
N ILE A 181 -3.64 -6.96 -9.70
CA ILE A 181 -4.98 -6.72 -9.16
C ILE A 181 -5.53 -5.38 -9.62
N ASN A 182 -6.80 -5.41 -10.02
CA ASN A 182 -7.56 -4.21 -10.34
C ASN A 182 -7.86 -3.42 -9.09
N SER A 183 -8.20 -2.15 -9.28
CA SER A 183 -8.50 -1.27 -8.15
C SER A 183 -9.85 -1.61 -7.46
N ASP A 184 -10.61 -2.54 -8.05
CA ASP A 184 -11.79 -3.13 -7.40
C ASP A 184 -11.55 -4.53 -6.85
N GLY A 185 -10.28 -4.95 -6.80
CA GLY A 185 -9.95 -6.20 -6.18
C GLY A 185 -9.97 -7.46 -7.03
N ARG A 186 -10.34 -7.35 -8.31
CA ARG A 186 -10.30 -8.52 -9.23
C ARG A 186 -8.93 -8.73 -9.81
N LEU A 187 -8.39 -9.93 -9.64
CA LEU A 187 -7.13 -10.28 -10.33
C LEU A 187 -7.30 -10.33 -11.84
N GLU A 188 -6.22 -10.01 -12.56
CA GLU A 188 -6.25 -10.01 -14.01
C GLU A 188 -4.89 -10.47 -14.54
N VAL A 189 -4.90 -11.40 -15.51
CA VAL A 189 -3.67 -12.01 -16.02
C VAL A 189 -3.49 -11.65 -17.49
N PHE A 190 -2.24 -11.35 -17.85
CA PHE A 190 -1.84 -10.92 -19.19
C PHE A 190 -0.82 -11.90 -19.73
N ALA A 191 -0.98 -12.28 -21.00
CA ALA A 191 0.01 -13.18 -21.65
C ALA A 191 -0.05 -13.00 -23.14
N ARG A 192 1.07 -13.29 -23.80
CA ARG A 192 1.10 -13.35 -25.27
C ARG A 192 0.36 -14.60 -25.81
N GLY A 193 -0.40 -14.42 -26.89
CA GLY A 193 -1.12 -15.51 -27.53
C GLY A 193 -0.37 -16.12 -28.70
N THR A 194 -0.96 -17.13 -29.32
CA THR A 194 -0.34 -17.87 -30.44
C THR A 194 -0.25 -17.03 -31.72
N ASP A 195 -1.04 -15.97 -31.77
CA ASP A 195 -0.96 -14.93 -32.80
C ASP A 195 -0.02 -13.78 -32.45
N ASN A 196 0.71 -13.92 -31.34
CA ASN A 196 1.58 -12.87 -30.79
C ASN A 196 0.92 -11.57 -30.29
N ALA A 197 -0.41 -11.54 -30.18
CA ALA A 197 -1.10 -10.40 -29.59
C ALA A 197 -1.06 -10.52 -28.05
N LEU A 198 -1.36 -9.41 -27.38
CA LEU A 198 -1.55 -9.39 -25.94
C LEU A 198 -2.97 -9.85 -25.68
N TRP A 199 -3.09 -10.91 -24.88
CA TRP A 199 -4.37 -11.42 -24.42
C TRP A 199 -4.50 -11.23 -22.90
N HIS A 200 -5.74 -11.21 -22.41
CA HIS A 200 -5.96 -11.12 -20.95
C HIS A 200 -7.27 -11.80 -20.53
N ILE A 201 -7.39 -11.98 -19.21
CA ILE A 201 -8.48 -12.72 -18.59
C ILE A 201 -8.56 -12.27 -17.13
N TRP A 202 -9.76 -12.22 -16.56
CA TRP A 202 -9.93 -11.59 -15.25
C TRP A 202 -10.93 -12.31 -14.40
N GLN A 203 -10.76 -12.20 -13.08
CA GLN A 203 -11.80 -12.62 -12.12
C GLN A 203 -13.04 -11.77 -12.34
N THR A 204 -14.22 -12.38 -12.21
CA THR A 204 -15.49 -11.69 -12.37
C THR A 204 -15.84 -10.93 -11.10
N ALA A 205 -15.24 -11.34 -9.98
CA ALA A 205 -15.47 -10.73 -8.68
C ALA A 205 -14.23 -11.01 -7.83
N PRO A 206 -13.94 -10.17 -6.82
CA PRO A 206 -12.77 -10.46 -5.98
C PRO A 206 -12.81 -11.82 -5.31
N ASP A 207 -11.63 -12.42 -5.22
CA ASP A 207 -11.39 -13.72 -4.58
C ASP A 207 -12.05 -14.88 -5.32
N SER A 208 -12.67 -14.62 -6.48
CA SER A 208 -13.60 -15.56 -7.10
C SER A 208 -12.85 -16.68 -7.78
N ASN A 209 -13.50 -17.82 -7.92
CA ASN A 209 -13.01 -18.85 -8.85
C ASN A 209 -13.66 -18.75 -10.23
N LEU A 210 -14.47 -17.72 -10.46
CA LEU A 210 -15.12 -17.54 -11.76
C LEU A 210 -14.42 -16.44 -12.52
N TRP A 211 -13.97 -16.79 -13.72
CA TRP A 211 -13.14 -15.91 -14.53
C TRP A 211 -13.87 -15.59 -15.83
N SER A 212 -13.46 -14.51 -16.46
CA SER A 212 -14.01 -14.11 -17.75
C SER A 212 -13.60 -15.06 -18.85
N SER A 213 -14.09 -14.82 -20.07
CA SER A 213 -13.46 -15.41 -21.24
C SER A 213 -12.17 -14.68 -21.52
N TRP A 214 -11.28 -15.33 -22.28
CA TRP A 214 -10.07 -14.67 -22.80
C TRP A 214 -10.49 -13.58 -23.77
N GLU A 215 -9.74 -12.48 -23.80
CA GLU A 215 -9.99 -11.39 -24.70
C GLU A 215 -8.64 -10.92 -25.26
N SER A 216 -8.64 -10.54 -26.55
CA SER A 216 -7.42 -10.02 -27.19
C SER A 216 -7.37 -8.53 -27.09
N LEU A 217 -6.19 -8.01 -26.76
CA LEU A 217 -5.93 -6.59 -26.90
C LEU A 217 -5.08 -6.32 -28.14
N ASN A 218 -4.97 -7.31 -29.02
CA ASN A 218 -4.29 -7.13 -30.33
C ASN A 218 -2.84 -6.74 -30.15
N GLY A 219 -2.27 -5.99 -31.09
CA GLY A 219 -0.84 -5.71 -31.11
C GLY A 219 -0.02 -6.93 -31.52
N ILE A 220 1.28 -6.73 -31.70
CA ILE A 220 2.26 -7.81 -31.87
C ILE A 220 3.30 -7.51 -30.81
N ILE A 221 3.50 -8.41 -29.85
CA ILE A 221 4.48 -8.18 -28.77
C ILE A 221 5.63 -9.19 -28.84
N THR A 222 6.83 -8.69 -28.55
CA THR A 222 8.08 -9.47 -28.65
C THR A 222 8.84 -9.50 -27.30
N SER A 223 8.08 -9.31 -26.23
CA SER A 223 8.54 -9.55 -24.85
C SER A 223 7.39 -10.02 -24.04
N ASP A 224 7.70 -10.53 -22.84
CA ASP A 224 6.71 -10.64 -21.77
C ASP A 224 6.01 -9.31 -21.58
N PRO A 225 4.70 -9.35 -21.31
CA PRO A 225 4.06 -8.12 -20.87
C PRO A 225 4.45 -7.78 -19.45
N VAL A 226 4.53 -6.48 -19.17
CA VAL A 226 4.79 -5.92 -17.85
C VAL A 226 3.56 -5.09 -17.48
N VAL A 227 3.02 -5.32 -16.28
CA VAL A 227 1.76 -4.68 -15.88
C VAL A 227 1.97 -3.93 -14.57
N ILE A 228 1.34 -2.79 -14.46
CA ILE A 228 1.41 -1.96 -13.28
C ILE A 228 0.04 -1.32 -13.06
N ASP A 229 -0.25 -0.93 -11.82
CA ASP A 229 -1.43 -0.12 -11.55
C ASP A 229 -1.02 1.35 -11.43
N THR A 230 -1.76 2.23 -12.08
CA THR A 230 -1.45 3.63 -12.02
C THR A 230 -2.01 4.23 -10.70
N ALA A 231 -1.61 5.45 -10.41
CA ALA A 231 -2.10 6.17 -9.22
C ALA A 231 -3.62 6.30 -9.20
N ASP A 232 -4.20 6.40 -10.39
CA ASP A 232 -5.64 6.58 -10.56
C ASP A 232 -6.41 5.28 -10.86
N GLY A 233 -5.81 4.15 -10.53
CA GLY A 233 -6.50 2.89 -10.45
C GLY A 233 -6.70 2.12 -11.74
N ARG A 234 -5.89 2.42 -12.75
CA ARG A 234 -5.99 1.78 -14.07
C ARG A 234 -4.84 0.77 -14.23
N LEU A 235 -5.10 -0.38 -14.84
CA LEU A 235 -4.03 -1.27 -15.29
C LEU A 235 -3.40 -0.73 -16.56
N GLU A 236 -2.07 -0.70 -16.58
CA GLU A 236 -1.31 -0.23 -17.75
C GLU A 236 -0.26 -1.31 -18.07
N VAL A 237 -0.24 -1.72 -19.33
CA VAL A 237 0.59 -2.84 -19.75
C VAL A 237 1.62 -2.32 -20.75
N PHE A 238 2.87 -2.72 -20.55
CA PHE A 238 4.01 -2.34 -21.37
C PHE A 238 4.57 -3.59 -22.01
N ALA A 239 5.08 -3.47 -23.23
CA ALA A 239 5.69 -4.59 -23.94
C ALA A 239 6.52 -4.09 -25.13
N ARG A 240 7.54 -4.84 -25.51
CA ARG A 240 8.30 -4.51 -26.70
C ARG A 240 7.44 -4.88 -27.92
N GLY A 241 7.45 -4.05 -28.96
CA GLY A 241 6.66 -4.30 -30.18
C GLY A 241 7.43 -5.08 -31.23
N ALA A 242 6.78 -5.36 -32.36
CA ALA A 242 7.42 -5.91 -33.57
C ALA A 242 8.57 -5.06 -34.10
N ASP A 243 8.47 -3.75 -33.92
CA ASP A 243 9.51 -2.81 -34.36
C ASP A 243 10.59 -2.61 -33.30
N ASN A 244 10.55 -3.38 -32.22
CA ASN A 244 11.39 -3.20 -31.05
C ASN A 244 11.30 -1.89 -30.28
N ALA A 245 10.25 -1.11 -30.52
CA ALA A 245 9.94 0.02 -29.68
C ALA A 245 9.26 -0.47 -28.39
N LEU A 246 9.26 0.39 -27.37
CA LEU A 246 8.46 0.17 -26.18
C LEU A 246 7.08 0.69 -26.46
N TRP A 247 6.07 -0.18 -26.30
CA TRP A 247 4.67 0.19 -26.44
C TRP A 247 3.92 0.00 -25.11
N HIS A 248 2.79 0.69 -24.95
CA HIS A 248 1.89 0.51 -23.81
C HIS A 248 0.44 0.71 -24.19
N ILE A 249 -0.43 0.20 -23.32
CA ILE A 249 -1.86 0.20 -23.54
C ILE A 249 -2.50 0.16 -22.14
N TRP A 250 -3.63 0.85 -21.96
CA TRP A 250 -4.20 0.97 -20.60
C TRP A 250 -5.71 0.91 -20.58
N GLN A 251 -6.24 0.46 -19.44
CA GLN A 251 -7.63 0.69 -19.11
C GLN A 251 -7.89 2.19 -19.12
N THR A 252 -8.93 2.66 -19.82
CA THR A 252 -9.21 4.10 -19.86
C THR A 252 -9.98 4.55 -18.61
N ILE A 253 -10.64 3.60 -17.97
CA ILE A 253 -11.43 3.86 -16.77
C ILE A 253 -10.89 2.93 -15.67
N SER A 254 -10.86 3.42 -14.45
CA SER A 254 -10.46 2.63 -13.27
C SER A 254 -11.16 1.26 -13.27
N HIS A 255 -10.37 0.18 -13.21
CA HIS A 255 -10.78 -1.23 -13.27
C HIS A 255 -11.80 -1.60 -14.31
N SER A 256 -11.68 -1.00 -15.49
CA SER A 256 -12.70 -1.16 -16.49
C SER A 256 -12.23 -0.82 -17.89
N GLY A 257 -12.86 -1.49 -18.85
CA GLY A 257 -12.73 -1.17 -20.27
C GLY A 257 -13.57 0.08 -20.57
N PRO A 258 -13.48 0.65 -21.76
CA PRO A 258 -12.66 0.16 -22.85
C PRO A 258 -11.19 0.44 -22.61
N TRP A 259 -10.33 -0.42 -23.15
CA TRP A 259 -8.90 -0.13 -23.13
C TRP A 259 -8.57 0.92 -24.20
N SER A 260 -7.42 1.57 -24.05
CA SER A 260 -6.94 2.54 -25.01
C SER A 260 -6.50 1.86 -26.31
N GLY A 261 -6.13 2.64 -27.29
CA GLY A 261 -5.33 2.02 -28.36
C GLY A 261 -3.94 1.68 -27.82
N TRP A 262 -3.19 0.85 -28.57
CA TRP A 262 -1.74 0.75 -28.34
C TRP A 262 -1.11 2.09 -28.67
N GLN A 263 -0.10 2.49 -27.89
CA GLN A 263 0.58 3.77 -28.08
C GLN A 263 2.07 3.52 -27.96
N SER A 264 2.87 4.11 -28.86
CA SER A 264 4.31 3.87 -28.86
C SER A 264 5.04 4.87 -27.98
N LEU A 265 6.00 4.39 -27.20
CA LEU A 265 6.92 5.27 -26.47
C LEU A 265 8.26 5.29 -27.18
N ASN A 266 8.28 4.78 -28.41
CA ASN A 266 9.49 4.79 -29.28
C ASN A 266 10.65 4.04 -28.65
N GLY A 267 11.86 4.43 -29.03
CA GLY A 267 13.07 3.74 -28.65
C GLY A 267 13.26 2.47 -29.42
N VAL A 268 14.44 1.89 -29.24
CA VAL A 268 14.73 0.58 -29.74
C VAL A 268 15.34 -0.15 -28.56
N ILE A 269 14.69 -1.23 -28.13
CA ILE A 269 15.12 -1.90 -26.91
C ILE A 269 15.45 -3.36 -27.16
N THR A 270 16.41 -3.85 -26.39
CA THR A 270 17.00 -5.17 -26.59
C THR A 270 16.81 -6.08 -25.36
N SER A 271 15.82 -5.72 -24.54
CA SER A 271 15.39 -6.54 -23.42
C SER A 271 13.94 -6.24 -23.10
N ALA A 272 13.38 -7.04 -22.21
CA ALA A 272 12.08 -6.72 -21.64
C ALA A 272 12.20 -5.37 -20.91
N PRO A 273 11.12 -4.60 -20.82
CA PRO A 273 11.17 -3.39 -20.05
C PRO A 273 10.87 -3.67 -18.60
N ALA A 274 11.19 -2.71 -17.73
CA ALA A 274 10.80 -2.71 -16.33
C ALA A 274 10.13 -1.39 -16.08
N VAL A 275 9.07 -1.39 -15.24
CA VAL A 275 8.35 -0.15 -14.94
C VAL A 275 8.11 -0.05 -13.46
N ALA A 276 8.36 1.13 -12.89
CA ALA A 276 8.09 1.43 -11.47
C ALA A 276 7.50 2.83 -11.35
N LYS A 277 6.92 3.07 -10.19
CA LYS A 277 6.34 4.36 -9.82
C LYS A 277 7.34 5.13 -8.98
N ASN A 278 7.61 6.37 -9.36
CA ASN A 278 8.31 7.32 -8.50
C ASN A 278 7.52 7.67 -7.22
N CYS A 279 8.21 8.35 -6.29
CA CYS A 279 7.66 8.93 -5.06
C CYS A 279 6.29 9.59 -5.28
N ASP A 280 6.23 10.38 -6.34
CA ASP A 280 5.03 11.16 -6.75
C ASP A 280 4.08 10.40 -7.71
N ASN A 281 4.28 9.09 -7.84
CA ASN A 281 3.50 8.21 -8.74
C ASN A 281 3.79 8.28 -10.26
N ARG A 282 4.72 9.14 -10.70
CA ARG A 282 5.10 9.21 -12.12
C ARG A 282 5.71 7.87 -12.52
N LEU A 283 5.17 7.27 -13.58
CA LEU A 283 5.70 6.03 -14.13
C LEU A 283 7.05 6.29 -14.79
N GLU A 284 7.94 5.29 -14.68
CA GLU A 284 9.25 5.33 -15.28
C GLU A 284 9.55 3.93 -15.79
N ALA A 285 9.98 3.87 -17.05
CA ALA A 285 10.23 2.63 -17.75
C ALA A 285 11.74 2.55 -18.04
N PHE A 286 12.26 1.33 -17.92
CA PHE A 286 13.69 1.04 -18.09
C PHE A 286 13.84 -0.13 -19.06
N ALA A 287 14.87 -0.05 -19.90
CA ALA A 287 15.21 -1.19 -20.73
C ALA A 287 16.64 -1.09 -21.23
N ARG A 288 17.19 -2.24 -21.65
CA ARG A 288 18.48 -2.26 -22.32
C ARG A 288 18.32 -1.69 -23.73
N GLY A 289 19.28 -0.87 -24.13
CA GLY A 289 19.31 -0.23 -25.46
C GLY A 289 20.14 -1.02 -26.44
N THR A 290 20.18 -0.54 -27.68
CA THR A 290 20.98 -1.19 -28.74
C THR A 290 22.49 -1.16 -28.49
N ASP A 291 22.97 -0.20 -27.70
CA ASP A 291 24.36 -0.17 -27.22
C ASP A 291 24.59 -0.94 -25.91
N ASN A 292 23.62 -1.75 -25.50
CA ASN A 292 23.64 -2.45 -24.22
C ASN A 292 23.74 -1.63 -22.94
N ALA A 293 23.44 -0.34 -23.02
CA ALA A 293 23.36 0.47 -21.83
C ALA A 293 21.94 0.37 -21.27
N LEU A 294 21.79 0.76 -20.01
CA LEU A 294 20.48 0.97 -19.43
C LEU A 294 19.94 2.29 -19.97
N TRP A 295 18.74 2.25 -20.55
CA TRP A 295 18.01 3.45 -20.96
C TRP A 295 16.71 3.60 -20.18
N HIS A 296 16.19 4.81 -20.13
CA HIS A 296 14.90 5.07 -19.46
C HIS A 296 14.14 6.27 -20.01
N THR A 297 12.83 6.25 -19.75
CA THR A 297 11.91 7.31 -20.09
C THR A 297 10.92 7.41 -18.92
N TRP A 298 10.50 8.62 -18.60
CA TRP A 298 9.62 8.89 -17.44
C TRP A 298 8.50 9.84 -17.81
N GLN A 299 7.37 9.68 -17.11
CA GLN A 299 6.33 10.70 -17.17
C GLN A 299 6.89 12.00 -16.59
N THR A 300 6.55 13.12 -17.21
CA THR A 300 7.01 14.43 -16.77
C THR A 300 5.89 15.17 -16.05
N VAL A 301 6.27 16.02 -15.09
CA VAL A 301 5.38 16.96 -14.40
C VAL A 301 4.54 16.26 -13.31
N SER A 302 3.73 15.31 -13.70
CA SER A 302 2.93 14.52 -12.77
C SER A 302 2.61 13.19 -13.37
N HIS A 303 1.95 12.34 -12.58
CA HIS A 303 1.50 11.05 -13.05
C HIS A 303 0.49 11.03 -14.23
N SER A 304 -0.17 12.14 -14.53
N SER A 304 -0.18 12.14 -14.51
CA SER A 304 -1.00 12.18 -15.79
CA SER A 304 -1.00 12.22 -15.74
C SER A 304 -0.19 12.63 -17.01
C SER A 304 -0.22 12.83 -16.91
N GLY A 305 1.11 12.86 -16.81
CA GLY A 305 1.93 13.65 -17.74
C GLY A 305 2.46 12.93 -18.96
N PRO A 306 2.88 13.73 -19.97
CA PRO A 306 3.49 13.17 -21.17
C PRO A 306 4.85 12.58 -20.85
N TRP A 307 5.27 11.60 -21.63
CA TRP A 307 6.53 10.93 -21.37
C TRP A 307 7.71 11.71 -21.95
N SER A 308 8.85 11.61 -21.26
CA SER A 308 10.07 12.30 -21.63
C SER A 308 10.68 11.61 -22.82
N SER A 309 11.64 12.27 -23.45
CA SER A 309 12.44 11.56 -24.44
C SER A 309 13.33 10.59 -23.67
N TRP A 310 13.79 9.57 -24.39
CA TRP A 310 14.66 8.55 -23.80
C TRP A 310 16.02 9.12 -23.41
N GLN A 311 16.62 8.58 -22.36
CA GLN A 311 17.92 9.02 -21.85
C GLN A 311 18.70 7.76 -21.42
N SER A 312 20.03 7.80 -21.58
CA SER A 312 20.88 6.67 -21.20
C SER A 312 21.38 6.81 -19.76
N LEU A 313 21.38 5.71 -19.03
CA LEU A 313 22.07 5.60 -17.72
C LEU A 313 23.38 4.79 -17.84
N ASN A 314 23.86 4.65 -19.08
CA ASN A 314 25.16 4.03 -19.35
C ASN A 314 25.22 2.60 -18.86
N GLY A 315 26.45 2.12 -18.62
CA GLY A 315 26.68 0.75 -18.24
C GLY A 315 26.63 -0.17 -19.42
N VAL A 316 27.02 -1.40 -19.20
CA VAL A 316 26.92 -2.43 -20.22
C VAL A 316 26.28 -3.60 -19.54
N ILE A 317 25.05 -3.94 -19.95
CA ILE A 317 24.28 -4.94 -19.17
C ILE A 317 23.90 -6.12 -20.01
N THR A 318 23.77 -7.25 -19.32
CA THR A 318 23.52 -8.55 -19.91
C THR A 318 22.21 -9.19 -19.42
N SER A 319 21.29 -8.35 -18.96
CA SER A 319 19.90 -8.76 -18.68
C SER A 319 19.01 -7.57 -18.86
N ALA A 320 17.71 -7.81 -18.80
CA ALA A 320 16.76 -6.72 -18.61
C ALA A 320 17.00 -6.12 -17.24
N PRO A 321 16.69 -4.83 -17.07
CA PRO A 321 16.79 -4.24 -15.74
C PRO A 321 15.61 -4.65 -14.85
N THR A 322 15.81 -4.59 -13.54
CA THR A 322 14.72 -4.73 -12.53
C THR A 322 14.65 -3.45 -11.73
N ALA A 323 13.49 -2.80 -11.70
CA ALA A 323 13.37 -1.51 -11.01
C ALA A 323 12.43 -1.63 -9.84
N VAL A 324 12.73 -0.88 -8.78
CA VAL A 324 11.95 -0.93 -7.58
C VAL A 324 12.13 0.37 -6.81
N ARG A 325 11.09 0.79 -6.11
CA ARG A 325 11.14 2.00 -5.30
C ARG A 325 11.51 1.60 -3.87
N ASP A 326 12.57 2.19 -3.32
CA ASP A 326 13.06 1.84 -1.98
C ASP A 326 12.31 2.60 -0.90
N ALA A 327 12.69 2.40 0.37
CA ALA A 327 11.98 3.04 1.50
C ALA A 327 12.27 4.54 1.68
N ASP A 328 13.25 5.06 0.97
CA ASP A 328 13.40 6.51 0.85
C ASP A 328 12.63 7.09 -0.36
N GLY A 329 11.79 6.30 -1.03
CA GLY A 329 11.06 6.80 -2.19
C GLY A 329 11.89 6.98 -3.46
N ARG A 330 13.11 6.44 -3.48
CA ARG A 330 13.97 6.52 -4.67
C ARG A 330 13.89 5.24 -5.47
N LEU A 331 13.91 5.34 -6.79
CA LEU A 331 14.10 4.17 -7.65
C LEU A 331 15.52 3.61 -7.59
N GLU A 332 15.59 2.29 -7.54
CA GLU A 332 16.84 1.57 -7.60
C GLU A 332 16.69 0.58 -8.74
N VAL A 333 17.70 0.51 -9.61
CA VAL A 333 17.69 -0.39 -10.74
C VAL A 333 18.87 -1.35 -10.72
N PHE A 334 18.54 -2.62 -10.90
CA PHE A 334 19.48 -3.73 -10.90
C PHE A 334 19.58 -4.34 -12.30
N ALA A 335 20.79 -4.69 -12.73
CA ALA A 335 20.94 -5.46 -13.97
C ALA A 335 22.21 -6.28 -13.93
N ARG A 336 22.22 -7.41 -14.61
CA ARG A 336 23.45 -8.17 -14.68
C ARG A 336 24.44 -7.44 -15.58
N GLY A 337 25.72 -7.59 -15.24
CA GLY A 337 26.80 -7.00 -15.99
C GLY A 337 27.56 -8.01 -16.81
N THR A 338 28.62 -7.52 -17.46
CA THR A 338 29.40 -8.32 -18.37
C THR A 338 30.19 -9.39 -17.64
N ASP A 339 30.47 -9.14 -16.37
CA ASP A 339 31.11 -10.17 -15.51
C ASP A 339 30.11 -11.12 -14.85
N ASN A 340 28.84 -11.06 -15.26
CA ASN A 340 27.73 -11.80 -14.60
C ASN A 340 27.41 -11.50 -13.13
N ALA A 341 27.98 -10.42 -12.58
CA ALA A 341 27.57 -9.92 -11.29
C ALA A 341 26.31 -9.07 -11.47
N LEU A 342 25.63 -8.85 -10.36
CA LEU A 342 24.49 -7.95 -10.34
C LEU A 342 24.99 -6.57 -10.03
N TRP A 343 24.67 -5.60 -10.89
CA TRP A 343 25.07 -4.20 -10.71
C TRP A 343 23.84 -3.34 -10.38
N LEU A 344 24.10 -2.17 -9.82
CA LEU A 344 23.06 -1.34 -9.17
C LEU A 344 23.35 0.16 -9.37
N THR A 345 22.30 0.90 -9.76
CA THR A 345 22.31 2.31 -9.76
C THR A 345 20.96 2.82 -9.20
N TRP A 346 20.96 4.02 -8.63
CA TRP A 346 19.76 4.55 -8.00
C TRP A 346 19.66 6.05 -8.18
N GLN A 347 18.44 6.55 -8.01
CA GLN A 347 18.19 7.98 -8.15
C GLN A 347 18.83 8.74 -6.99
N THR A 348 19.40 9.89 -7.32
CA THR A 348 19.88 10.85 -6.32
C THR A 348 19.17 12.15 -6.63
N ALA A 349 19.33 13.14 -5.75
CA ALA A 349 18.74 14.49 -5.93
C ALA A 349 18.91 15.01 -7.36
N SER A 350 20.16 15.12 -7.77
CA SER A 350 20.56 15.70 -9.03
C SER A 350 20.34 14.81 -10.26
N SER A 351 20.52 13.50 -10.08
CA SER A 351 20.99 12.64 -11.14
C SER A 351 20.72 11.16 -10.80
N TRP A 352 21.60 10.28 -11.24
CA TRP A 352 21.64 8.89 -10.78
C TRP A 352 23.04 8.62 -10.25
N SER A 353 23.16 7.67 -9.34
CA SER A 353 24.45 7.32 -8.75
C SER A 353 25.34 6.56 -9.77
N PRO A 354 26.65 6.49 -9.51
CA PRO A 354 27.51 5.61 -10.31
C PRO A 354 27.06 4.16 -10.18
N TRP A 355 27.20 3.38 -11.24
CA TRP A 355 26.98 1.96 -11.16
C TRP A 355 27.93 1.34 -10.14
N ILE A 356 27.41 0.45 -9.31
CA ILE A 356 28.24 -0.29 -8.36
C ILE A 356 27.90 -1.77 -8.47
N SER A 357 28.87 -2.62 -8.14
CA SER A 357 28.69 -4.07 -8.23
C SER A 357 28.29 -4.65 -6.91
N LEU A 358 27.24 -5.49 -6.93
CA LEU A 358 26.90 -6.32 -5.79
C LEU A 358 27.54 -7.71 -5.91
N GLY A 359 28.38 -7.91 -6.92
CA GLY A 359 29.04 -9.18 -7.06
C GLY A 359 28.11 -10.33 -7.39
N GLY A 360 28.59 -11.54 -7.10
CA GLY A 360 27.91 -12.78 -7.45
C GLY A 360 28.09 -13.18 -8.91
N VAL A 361 27.60 -14.36 -9.23
CA VAL A 361 27.53 -14.86 -10.61
C VAL A 361 26.11 -15.37 -10.82
N LEU A 362 25.37 -14.68 -11.65
CA LEU A 362 23.97 -14.99 -11.91
C LEU A 362 23.74 -15.51 -13.32
N ILE A 363 22.86 -16.50 -13.40
CA ILE A 363 22.46 -17.08 -14.66
C ILE A 363 21.00 -16.72 -14.94
N ASP A 364 20.61 -16.76 -16.21
CA ASP A 364 19.21 -16.56 -16.60
C ASP A 364 18.53 -17.93 -16.71
N ALA A 365 17.66 -18.22 -15.76
CA ALA A 365 17.01 -19.51 -15.67
C ALA A 365 15.55 -19.46 -16.13
N SER A 366 15.15 -18.37 -16.78
CA SER A 366 13.77 -18.22 -17.19
C SER A 366 13.28 -19.44 -17.97
N ALA A 367 12.10 -19.95 -17.61
CA ALA A 367 11.53 -21.12 -18.25
C ALA A 367 11.06 -20.85 -19.68
N ILE A 368 10.86 -19.58 -20.05
CA ILE A 368 10.57 -19.19 -21.45
C ILE A 368 11.59 -18.13 -21.81
N LYS A 369 12.28 -18.33 -22.93
CA LYS A 369 13.25 -17.37 -23.47
C LYS A 369 13.04 -17.11 -24.99
N THR B 26 -11.67 15.01 29.77
CA THR B 26 -11.62 15.69 28.43
C THR B 26 -10.30 15.41 27.66
N ILE B 27 -10.33 15.73 26.37
CA ILE B 27 -9.20 15.55 25.46
C ILE B 27 -9.11 16.81 24.62
N ALA B 28 -7.97 17.00 23.97
CA ALA B 28 -7.79 18.12 23.05
C ALA B 28 -8.82 18.08 21.90
N LEU B 29 -9.10 19.26 21.36
CA LEU B 29 -10.04 19.46 20.24
C LEU B 29 -9.77 18.46 19.10
N SER B 30 -10.84 17.86 18.60
CA SER B 30 -10.74 16.80 17.58
C SER B 30 -10.72 17.31 16.14
N GLU B 31 -10.40 16.38 15.26
CA GLU B 31 -10.49 16.58 13.83
C GLU B 31 -11.98 16.72 13.45
N ILE B 32 -12.27 17.53 12.42
CA ILE B 32 -13.66 17.81 11.95
C ILE B 32 -14.15 16.88 10.81
N VAL B 33 -13.20 16.25 10.12
CA VAL B 33 -13.50 15.37 9.01
C VAL B 33 -12.66 14.09 9.10
N SER B 34 -13.12 13.09 8.37
CA SER B 34 -12.38 11.86 8.11
C SER B 34 -11.98 11.97 6.64
N VAL B 35 -10.79 11.50 6.26
CA VAL B 35 -10.33 11.61 4.87
C VAL B 35 -9.77 10.31 4.38
N VAL B 36 -9.93 10.06 3.09
CA VAL B 36 -9.39 8.85 2.48
C VAL B 36 -8.80 9.21 1.11
N ASN B 37 -7.67 8.58 0.79
CA ASN B 37 -7.11 8.58 -0.57
C ASN B 37 -7.74 7.31 -1.23
N THR B 38 -8.65 7.51 -2.18
CA THR B 38 -9.51 6.41 -2.67
C THR B 38 -8.77 5.39 -3.54
N SER B 39 -9.45 4.31 -3.92
CA SER B 39 -8.82 3.30 -4.78
C SER B 39 -8.31 3.90 -6.11
N ASP B 40 -8.97 4.95 -6.61
CA ASP B 40 -8.50 5.68 -7.81
C ASP B 40 -7.71 6.97 -7.48
N GLY B 41 -7.12 7.07 -6.30
CA GLY B 41 -6.14 8.13 -6.03
C GLY B 41 -6.62 9.49 -5.61
N ARG B 42 -7.91 9.65 -5.34
CA ARG B 42 -8.51 10.96 -5.08
C ARG B 42 -8.76 11.11 -3.59
N LEU B 43 -8.60 12.32 -3.09
CA LEU B 43 -9.00 12.62 -1.73
C LEU B 43 -10.52 12.81 -1.61
N GLU B 44 -11.14 12.13 -0.64
CA GLU B 44 -12.55 12.39 -0.29
C GLU B 44 -12.67 12.62 1.23
N VAL B 45 -13.37 13.68 1.64
CA VAL B 45 -13.52 14.07 3.05
C VAL B 45 -14.97 13.92 3.49
N PHE B 46 -15.15 13.52 4.72
CA PHE B 46 -16.47 13.20 5.26
C PHE B 46 -16.59 13.94 6.57
N GLY B 47 -17.69 14.65 6.76
CA GLY B 47 -17.93 15.40 7.98
C GLY B 47 -19.43 15.46 8.29
N VAL B 48 -19.75 16.21 9.33
CA VAL B 48 -21.11 16.29 9.83
C VAL B 48 -21.64 17.70 9.61
N GLY B 49 -22.76 17.79 8.88
CA GLY B 49 -23.44 19.06 8.61
C GLY B 49 -24.32 19.55 9.75
N THR B 50 -24.84 20.77 9.62
CA THR B 50 -25.73 21.35 10.65
C THR B 50 -27.03 20.57 10.79
N ASP B 51 -27.43 19.84 9.74
CA ASP B 51 -28.56 18.91 9.87
C ASP B 51 -28.23 17.55 10.57
N LYS B 52 -26.99 17.37 11.04
CA LYS B 52 -26.49 16.09 11.58
C LYS B 52 -26.39 14.93 10.58
N ALA B 53 -26.55 15.21 9.30
CA ALA B 53 -26.24 14.24 8.26
C ALA B 53 -24.72 14.19 8.00
N VAL B 54 -24.29 13.10 7.36
CA VAL B 54 -22.92 12.99 6.88
C VAL B 54 -22.88 13.63 5.51
N TRP B 55 -21.94 14.54 5.33
CA TRP B 55 -21.71 15.16 4.03
C TRP B 55 -20.31 14.83 3.59
N HIS B 56 -20.09 14.90 2.27
CA HIS B 56 -18.77 14.64 1.72
C HIS B 56 -18.43 15.52 0.57
N ASN B 57 -17.12 15.68 0.35
CA ASN B 57 -16.57 16.52 -0.70
C ASN B 57 -15.40 15.76 -1.31
N ARG B 58 -15.31 15.78 -2.64
CA ARG B 58 -14.44 14.86 -3.39
C ARG B 58 -13.58 15.60 -4.41
N GLN B 59 -12.29 15.29 -4.49
CA GLN B 59 -11.48 15.77 -5.64
C GLN B 59 -12.01 15.13 -6.90
N MET B 60 -12.06 15.93 -7.96
CA MET B 60 -12.36 15.39 -9.27
C MET B 60 -11.23 14.52 -9.80
N ALA B 61 -10.00 14.95 -9.56
CA ALA B 61 -8.82 14.34 -10.16
C ALA B 61 -7.80 14.01 -9.09
N PRO B 62 -6.94 13.00 -9.35
CA PRO B 62 -5.95 12.50 -8.39
C PRO B 62 -4.66 13.31 -8.40
N HIS B 63 -4.80 14.60 -8.10
CA HIS B 63 -3.70 15.55 -8.15
C HIS B 63 -3.89 16.63 -7.13
N THR B 64 -2.76 17.12 -6.61
CA THR B 64 -2.73 18.26 -5.72
C THR B 64 -3.39 19.44 -6.42
N GLY B 65 -4.31 20.11 -5.76
CA GLY B 65 -4.95 21.29 -6.37
C GLY B 65 -6.05 20.95 -7.37
N SER B 66 -6.48 19.68 -7.41
CA SER B 66 -7.65 19.30 -8.18
C SER B 66 -8.88 20.15 -7.79
N PRO B 67 -9.76 20.44 -8.76
CA PRO B 67 -11.04 20.99 -8.36
C PRO B 67 -11.82 19.97 -7.51
N TRP B 68 -12.68 20.48 -6.65
CA TRP B 68 -13.51 19.68 -5.73
C TRP B 68 -14.98 19.65 -6.17
N SER B 69 -15.68 18.59 -5.78
CA SER B 69 -17.07 18.42 -6.18
C SER B 69 -18.00 19.47 -5.57
N GLY B 70 -17.66 19.99 -4.39
CA GLY B 70 -18.63 20.66 -3.55
C GLY B 70 -19.25 19.64 -2.59
N TRP B 71 -19.83 20.14 -1.52
CA TRP B 71 -20.39 19.27 -0.48
C TRP B 71 -21.67 18.60 -0.98
N SER B 72 -21.79 17.31 -0.70
CA SER B 72 -22.95 16.50 -1.07
C SER B 72 -23.33 15.61 0.12
N SER B 73 -24.64 15.41 0.34
CA SER B 73 -25.11 14.70 1.54
C SER B 73 -25.18 13.21 1.31
N LEU B 74 -24.74 12.43 2.30
CA LEU B 74 -25.07 11.00 2.38
C LEU B 74 -26.19 10.68 3.40
N LYS B 75 -26.88 11.72 3.85
CA LYS B 75 -28.00 11.58 4.77
C LYS B 75 -27.57 10.92 6.07
N GLY B 76 -28.48 10.22 6.74
CA GLY B 76 -28.25 9.72 8.08
C GLY B 76 -28.43 10.81 9.11
N GLN B 77 -28.43 10.40 10.38
CA GLN B 77 -28.41 11.29 11.52
C GLN B 77 -27.37 10.70 12.48
N VAL B 78 -26.29 11.43 12.74
CA VAL B 78 -25.18 10.86 13.47
C VAL B 78 -24.84 11.65 14.75
N THR B 79 -24.21 10.94 15.68
CA THR B 79 -23.82 11.50 16.97
C THR B 79 -22.36 11.13 17.32
N SER B 80 -21.57 10.84 16.29
CA SER B 80 -20.11 10.73 16.39
C SER B 80 -19.53 11.35 15.13
N LYS B 81 -18.22 11.47 15.11
CA LYS B 81 -17.51 11.79 13.89
C LYS B 81 -17.73 10.59 12.98
N PRO B 82 -18.05 10.82 11.69
CA PRO B 82 -18.13 9.73 10.72
C PRO B 82 -16.72 9.35 10.27
N VAL B 83 -16.43 8.06 10.23
CA VAL B 83 -15.07 7.57 9.94
C VAL B 83 -15.10 6.69 8.71
N VAL B 84 -14.40 7.14 7.67
CA VAL B 84 -14.36 6.40 6.40
C VAL B 84 -13.16 5.45 6.40
N TYR B 85 -13.36 4.27 5.82
CA TYR B 85 -12.32 3.30 5.64
C TYR B 85 -12.53 2.60 4.29
N ILE B 86 -11.45 2.09 3.69
CA ILE B 86 -11.56 1.46 2.39
CA ILE B 86 -11.53 1.44 2.37
C ILE B 86 -11.42 -0.06 2.55
N ASN B 87 -12.43 -0.79 2.09
CA ASN B 87 -12.37 -2.24 2.06
C ASN B 87 -11.26 -2.70 1.11
N THR B 88 -10.81 -3.94 1.28
CA THR B 88 -9.66 -4.43 0.51
C THR B 88 -10.04 -4.61 -0.97
N ASP B 89 -11.33 -4.48 -1.33
CA ASP B 89 -11.77 -4.44 -2.72
C ASP B 89 -12.01 -3.02 -3.23
N GLY B 90 -11.56 -2.01 -2.47
CA GLY B 90 -11.68 -0.61 -2.92
C GLY B 90 -12.96 0.11 -2.56
N ARG B 91 -13.93 -0.57 -1.99
CA ARG B 91 -15.22 0.06 -1.66
C ARG B 91 -15.09 0.84 -0.36
N LEU B 92 -15.46 2.11 -0.41
CA LEU B 92 -15.55 2.92 0.80
C LEU B 92 -16.68 2.49 1.70
N GLU B 93 -16.45 2.62 3.01
CA GLU B 93 -17.45 2.28 4.00
C GLU B 93 -17.31 3.31 5.10
N VAL B 94 -18.42 3.92 5.51
CA VAL B 94 -18.40 4.98 6.50
C VAL B 94 -19.09 4.47 7.75
N PHE B 95 -18.42 4.63 8.89
CA PHE B 95 -18.93 4.22 10.20
C PHE B 95 -19.22 5.42 11.11
N ALA B 96 -20.33 5.36 11.85
CA ALA B 96 -20.75 6.48 12.70
C ALA B 96 -21.72 5.97 13.74
N ARG B 97 -21.73 6.64 14.88
CA ARG B 97 -22.70 6.36 15.90
C ARG B 97 -24.02 7.00 15.47
N GLY B 98 -25.11 6.25 15.63
CA GLY B 98 -26.44 6.73 15.31
C GLY B 98 -27.09 7.46 16.46
N THR B 99 -28.30 7.95 16.22
CA THR B 99 -29.08 8.63 17.24
C THR B 99 -29.54 7.71 18.34
N ASP B 100 -29.56 6.41 18.08
CA ASP B 100 -29.87 5.40 19.10
C ASP B 100 -28.60 4.89 19.82
N ASN B 101 -27.45 5.50 19.55
CA ASN B 101 -26.15 5.04 20.06
C ASN B 101 -25.61 3.71 19.55
N ALA B 102 -26.27 3.11 18.56
CA ALA B 102 -25.72 1.93 17.93
C ALA B 102 -24.62 2.34 16.93
N LEU B 103 -23.78 1.38 16.53
CA LEU B 103 -22.86 1.59 15.43
C LEU B 103 -23.65 1.47 14.14
N TRP B 104 -23.64 2.52 13.32
CA TRP B 104 -24.23 2.43 11.97
C TRP B 104 -23.17 2.55 10.88
N HIS B 105 -23.53 2.08 9.68
CA HIS B 105 -22.64 2.17 8.54
C HIS B 105 -23.39 2.27 7.22
N ILE B 106 -22.66 2.73 6.21
CA ILE B 106 -23.11 2.86 4.84
C ILE B 106 -21.88 2.53 3.99
N TRP B 107 -22.06 1.89 2.84
CA TRP B 107 -20.93 1.45 2.01
C TRP B 107 -21.23 1.67 0.56
N GLN B 108 -20.18 1.74 -0.26
CA GLN B 108 -20.35 1.69 -1.68
C GLN B 108 -20.71 0.26 -2.07
N THR B 109 -21.72 0.11 -2.91
CA THR B 109 -22.18 -1.21 -3.37
C THR B 109 -21.22 -1.78 -4.42
N ALA B 110 -20.52 -0.89 -5.08
CA ALA B 110 -19.41 -1.23 -5.96
C ALA B 110 -18.39 -0.15 -5.82
N THR B 111 -17.17 -0.51 -6.16
CA THR B 111 -16.02 0.36 -5.96
C THR B 111 -16.24 1.70 -6.62
N ASN B 112 -16.23 2.74 -5.79
CA ASN B 112 -16.37 4.10 -6.25
C ASN B 112 -17.74 4.45 -6.88
N ALA B 113 -18.77 3.64 -6.64
CA ALA B 113 -20.08 3.82 -7.31
C ALA B 113 -21.16 4.16 -6.27
N GLY B 114 -22.35 3.58 -6.38
CA GLY B 114 -23.46 4.01 -5.54
C GLY B 114 -23.29 3.55 -4.12
N TRP B 115 -24.06 4.17 -3.24
CA TRP B 115 -23.97 3.91 -1.83
C TRP B 115 -25.19 3.11 -1.39
N SER B 116 -25.02 2.28 -0.37
CA SER B 116 -26.11 1.50 0.22
C SER B 116 -27.02 2.43 1.02
N ASN B 117 -28.06 1.89 1.64
CA ASN B 117 -28.73 2.60 2.71
C ASN B 117 -27.95 2.49 4.02
N TRP B 118 -28.14 3.44 4.93
CA TRP B 118 -27.57 3.29 6.27
C TRP B 118 -28.13 2.02 6.91
N GLN B 119 -27.26 1.26 7.55
CA GLN B 119 -27.67 0.06 8.30
C GLN B 119 -27.03 0.00 9.69
N SER B 120 -27.75 -0.62 10.61
CA SER B 120 -27.30 -0.71 12.02
C SER B 120 -26.52 -2.01 12.24
N LEU B 121 -25.40 -1.90 12.93
CA LEU B 121 -24.67 -3.04 13.44
C LEU B 121 -24.89 -3.20 14.95
N GLY B 122 -25.83 -2.44 15.51
CA GLY B 122 -26.26 -2.64 16.89
C GLY B 122 -25.21 -2.20 17.89
N GLY B 123 -25.29 -2.75 19.09
CA GLY B 123 -24.47 -2.30 20.19
C GLY B 123 -24.87 -0.96 20.76
N VAL B 124 -24.18 -0.60 21.83
CA VAL B 124 -24.24 0.76 22.39
C VAL B 124 -22.81 1.20 22.53
N ILE B 125 -22.48 2.30 21.83
CA ILE B 125 -21.13 2.81 21.84
C ILE B 125 -21.10 4.25 22.36
N THR B 126 -19.95 4.60 22.93
CA THR B 126 -19.70 5.86 23.65
C THR B 126 -18.39 6.51 23.21
N SER B 127 -17.93 6.14 22.01
CA SER B 127 -16.80 6.84 21.35
C SER B 127 -17.02 6.87 19.84
N ASN B 128 -16.18 7.61 19.14
CA ASN B 128 -16.06 7.43 17.69
C ASN B 128 -15.58 6.00 17.39
N PRO B 129 -15.99 5.43 16.23
CA PRO B 129 -15.51 4.09 15.87
C PRO B 129 -14.11 4.15 15.29
N ALA B 130 -13.36 3.06 15.41
CA ALA B 130 -12.02 2.96 14.82
C ALA B 130 -11.97 1.64 14.02
N ILE B 131 -11.40 1.67 12.81
CA ILE B 131 -11.48 0.57 11.88
C ILE B 131 -10.11 0.21 11.30
N TYR B 132 -9.89 -1.08 11.10
CA TYR B 132 -8.77 -1.60 10.31
C TYR B 132 -9.15 -2.90 9.64
N ALA B 133 -8.55 -3.16 8.48
CA ALA B 133 -8.73 -4.41 7.81
C ALA B 133 -7.73 -5.44 8.34
N ASN B 134 -8.22 -6.62 8.65
CA ASN B 134 -7.36 -7.73 8.96
C ASN B 134 -6.64 -8.17 7.71
N THR B 135 -5.61 -9.00 7.88
CA THR B 135 -4.83 -9.50 6.75
C THR B 135 -5.67 -10.39 5.83
N ASP B 136 -6.78 -10.95 6.36
CA ASP B 136 -7.70 -11.73 5.56
C ASP B 136 -8.81 -10.89 4.90
N GLY B 137 -8.68 -9.57 4.95
CA GLY B 137 -9.64 -8.66 4.30
C GLY B 137 -10.90 -8.32 5.09
N ARG B 138 -11.06 -8.88 6.29
CA ARG B 138 -12.23 -8.61 7.12
C ARG B 138 -12.01 -7.33 7.92
N LEU B 139 -12.90 -6.36 7.72
CA LEU B 139 -12.86 -5.14 8.51
C LEU B 139 -13.20 -5.51 9.95
N GLU B 140 -12.55 -4.82 10.88
CA GLU B 140 -12.84 -4.95 12.30
C GLU B 140 -12.97 -3.53 12.87
N VAL B 141 -14.04 -3.30 13.60
CA VAL B 141 -14.34 -1.99 14.18
C VAL B 141 -14.27 -2.07 15.70
N PHE B 142 -13.70 -1.02 16.30
CA PHE B 142 -13.44 -0.92 17.74
C PHE B 142 -14.10 0.36 18.20
N ALA B 143 -14.73 0.31 19.37
CA ALA B 143 -15.36 1.48 19.99
C ALA B 143 -15.51 1.24 21.48
N ARG B 144 -15.54 2.32 22.24
CA ARG B 144 -15.85 2.25 23.65
C ARG B 144 -17.33 1.90 23.78
N GLY B 145 -17.63 1.05 24.75
CA GLY B 145 -19.01 0.66 25.03
C GLY B 145 -19.65 1.44 26.17
N ALA B 146 -20.94 1.17 26.38
CA ALA B 146 -21.72 1.75 27.48
C ALA B 146 -21.07 1.46 28.81
N ASP B 147 -20.46 0.27 28.95
CA ASP B 147 -19.65 -0.07 30.15
C ASP B 147 -18.27 0.61 30.25
N ASN B 148 -17.92 1.48 29.32
CA ASN B 148 -16.59 2.12 29.23
C ASN B 148 -15.40 1.22 28.86
N ALA B 149 -15.68 -0.02 28.51
CA ALA B 149 -14.68 -0.93 28.01
C ALA B 149 -14.55 -0.81 26.47
N LEU B 150 -13.47 -1.42 25.95
CA LEU B 150 -13.27 -1.51 24.52
C LEU B 150 -14.09 -2.68 23.99
N TRP B 151 -14.84 -2.47 22.91
CA TRP B 151 -15.59 -3.54 22.23
C TRP B 151 -15.19 -3.59 20.76
N HIS B 152 -15.44 -4.74 20.15
CA HIS B 152 -15.13 -4.92 18.74
C HIS B 152 -16.10 -5.86 18.04
N ILE B 153 -16.16 -5.69 16.72
CA ILE B 153 -17.04 -6.45 15.85
C ILE B 153 -16.35 -6.52 14.49
N SER B 154 -16.59 -7.59 13.75
CA SER B 154 -15.93 -7.73 12.45
C SER B 154 -16.82 -8.32 11.36
N GLN B 155 -16.47 -8.03 10.11
CA GLN B 155 -17.00 -8.77 8.98
C GLN B 155 -16.62 -10.23 9.14
N THR B 156 -17.55 -11.12 8.79
CA THR B 156 -17.28 -12.55 8.86
C THR B 156 -16.53 -13.12 7.66
N THR B 157 -16.58 -12.44 6.52
CA THR B 157 -15.76 -12.81 5.36
C THR B 157 -15.19 -11.55 4.77
N ALA B 158 -14.20 -11.68 3.91
CA ALA B 158 -13.51 -10.50 3.35
C ALA B 158 -14.44 -9.50 2.72
N HIS B 159 -14.28 -8.23 3.08
CA HIS B 159 -15.05 -7.10 2.52
C HIS B 159 -16.53 -7.38 2.30
N SER B 160 -17.16 -7.97 3.31
CA SER B 160 -18.54 -8.34 3.23
C SER B 160 -19.17 -8.64 4.58
N GLY B 161 -20.47 -8.33 4.69
CA GLY B 161 -21.31 -8.84 5.77
C GLY B 161 -21.62 -10.29 5.51
N PRO B 162 -22.33 -10.97 6.41
CA PRO B 162 -22.78 -10.44 7.69
C PRO B 162 -21.65 -10.24 8.69
N TRP B 163 -21.93 -9.46 9.73
CA TRP B 163 -20.92 -9.18 10.76
C TRP B 163 -21.02 -10.17 11.88
N SER B 164 -19.97 -10.26 12.67
CA SER B 164 -19.90 -11.16 13.79
C SER B 164 -20.77 -10.60 14.92
N SER B 165 -20.79 -11.29 16.05
CA SER B 165 -21.37 -10.67 17.26
C SER B 165 -20.33 -9.73 17.87
N TRP B 166 -20.81 -8.77 18.67
CA TRP B 166 -19.93 -7.92 19.42
C TRP B 166 -19.26 -8.73 20.54
N ALA B 167 -18.03 -8.35 20.88
CA ALA B 167 -17.32 -8.86 22.07
C ALA B 167 -16.55 -7.73 22.70
N SER B 168 -16.08 -7.94 23.93
CA SER B 168 -15.32 -6.91 24.65
C SER B 168 -13.89 -7.36 24.84
N LEU B 169 -13.01 -6.39 24.79
CA LEU B 169 -11.62 -6.55 25.18
C LEU B 169 -11.40 -5.96 26.55
N ASN B 170 -12.50 -5.50 27.16
CA ASN B 170 -12.49 -5.02 28.55
C ASN B 170 -11.68 -3.74 28.68
N GLY B 171 -11.02 -3.52 29.83
CA GLY B 171 -10.34 -2.25 30.10
C GLY B 171 -11.39 -1.22 30.47
N VAL B 172 -10.93 -0.05 30.89
CA VAL B 172 -11.77 1.10 31.06
C VAL B 172 -11.01 2.19 30.38
N ILE B 173 -11.63 2.80 29.37
CA ILE B 173 -10.91 3.79 28.56
C ILE B 173 -11.57 5.17 28.57
N THR B 174 -10.74 6.20 28.35
CA THR B 174 -11.13 7.59 28.52
C THR B 174 -10.75 8.46 27.33
N SER B 175 -10.49 7.82 26.18
CA SER B 175 -10.29 8.53 24.92
C SER B 175 -10.97 7.68 23.83
N ASN B 176 -11.08 8.23 22.65
CA ASN B 176 -11.39 7.40 21.50
C ASN B 176 -10.24 6.41 21.28
N PRO B 177 -10.55 5.15 20.95
CA PRO B 177 -9.51 4.20 20.66
C PRO B 177 -9.00 4.42 19.25
N THR B 178 -7.78 3.98 18.99
CA THR B 178 -7.22 4.02 17.63
C THR B 178 -6.57 2.66 17.36
N VAL B 179 -6.82 2.14 16.16
CA VAL B 179 -6.30 0.82 15.75
C VAL B 179 -5.28 0.97 14.62
N HIS B 180 -4.33 0.06 14.59
CA HIS B 180 -3.40 -0.04 13.47
C HIS B 180 -2.99 -1.50 13.31
N ILE B 181 -2.26 -1.78 12.24
CA ILE B 181 -1.75 -3.14 12.02
C ILE B 181 -0.23 -3.13 12.14
N ASN B 182 0.30 -4.12 12.85
CA ASN B 182 1.71 -4.38 12.92
C ASN B 182 2.25 -4.91 11.58
N SER B 183 3.57 -4.85 11.44
CA SER B 183 4.26 -5.33 10.22
C SER B 183 4.18 -6.85 10.00
N ASP B 184 3.73 -7.58 11.01
CA ASP B 184 3.48 -9.01 10.91
C ASP B 184 1.97 -9.34 10.85
N GLY B 185 1.15 -8.30 10.70
CA GLY B 185 -0.26 -8.47 10.42
C GLY B 185 -1.19 -8.49 11.62
N ARG B 186 -0.68 -8.29 12.84
CA ARG B 186 -1.53 -8.29 14.04
C ARG B 186 -2.07 -6.90 14.29
N LEU B 187 -3.40 -6.79 14.44
CA LEU B 187 -4.00 -5.53 14.85
C LEU B 187 -3.59 -5.19 16.29
N GLU B 188 -3.53 -3.91 16.57
CA GLU B 188 -3.18 -3.39 17.88
C GLU B 188 -3.96 -2.10 18.10
N VAL B 189 -4.54 -1.96 19.29
CA VAL B 189 -5.40 -0.85 19.65
C VAL B 189 -4.80 -0.04 20.79
N PHE B 190 -4.98 1.28 20.71
CA PHE B 190 -4.45 2.25 21.66
C PHE B 190 -5.58 3.10 22.21
N ALA B 191 -5.51 3.37 23.50
CA ALA B 191 -6.48 4.26 24.16
C ALA B 191 -5.89 4.77 25.48
N ARG B 192 -6.39 5.94 25.90
CA ARG B 192 -6.10 6.49 27.21
C ARG B 192 -6.87 5.70 28.25
N GLY B 193 -6.20 5.48 29.39
CA GLY B 193 -6.78 4.75 30.51
C GLY B 193 -7.29 5.69 31.57
N THR B 194 -7.80 5.12 32.66
CA THR B 194 -8.36 5.88 33.80
C THR B 194 -7.30 6.72 34.54
N ASP B 195 -6.06 6.25 34.51
CA ASP B 195 -4.89 6.98 34.99
C ASP B 195 -4.30 8.01 34.03
N ASN B 196 -4.97 8.27 32.88
CA ASN B 196 -4.44 9.14 31.81
C ASN B 196 -3.14 8.69 31.10
N ALA B 197 -2.74 7.44 31.32
CA ALA B 197 -1.62 6.83 30.62
C ALA B 197 -2.11 6.29 29.27
N LEU B 198 -1.16 6.03 28.38
CA LEU B 198 -1.45 5.32 27.11
C LEU B 198 -1.43 3.82 27.38
N TRP B 199 -2.52 3.16 27.04
CA TRP B 199 -2.64 1.74 27.20
C TRP B 199 -2.80 1.12 25.80
N HIS B 200 -2.51 -0.17 25.70
CA HIS B 200 -2.67 -0.88 24.44
C HIS B 200 -2.87 -2.34 24.60
N ILE B 201 -3.32 -2.97 23.51
CA ILE B 201 -3.73 -4.33 23.48
C ILE B 201 -3.64 -4.83 22.03
N TRP B 202 -3.33 -6.10 21.80
CA TRP B 202 -3.01 -6.57 20.45
C TRP B 202 -3.47 -7.97 20.21
N GLN B 203 -3.75 -8.26 18.94
CA GLN B 203 -3.96 -9.63 18.49
C GLN B 203 -2.72 -10.48 18.74
N THR B 204 -2.94 -11.73 19.12
CA THR B 204 -1.80 -12.64 19.36
C THR B 204 -1.30 -13.25 18.06
N ALA B 205 -2.16 -13.26 17.04
CA ALA B 205 -1.79 -13.74 15.70
C ALA B 205 -2.67 -12.98 14.70
N PRO B 206 -2.26 -12.91 13.42
CA PRO B 206 -3.09 -12.22 12.46
C PRO B 206 -4.49 -12.84 12.34
N ASP B 207 -5.48 -11.95 12.18
CA ASP B 207 -6.90 -12.31 11.93
C ASP B 207 -7.58 -12.96 13.12
N SER B 208 -6.91 -12.96 14.28
CA SER B 208 -7.29 -13.84 15.39
C SER B 208 -8.39 -13.19 16.23
N ASN B 209 -9.15 -14.03 16.91
CA ASN B 209 -9.99 -13.57 17.99
C ASN B 209 -9.30 -13.63 19.33
N LEU B 210 -8.01 -14.03 19.36
CA LEU B 210 -7.24 -14.05 20.60
C LEU B 210 -6.40 -12.79 20.75
N TRP B 211 -6.56 -12.10 21.88
CA TRP B 211 -5.83 -10.87 22.15
C TRP B 211 -4.97 -10.97 23.40
N SER B 212 -4.03 -10.05 23.52
CA SER B 212 -3.21 -9.95 24.72
C SER B 212 -4.00 -9.42 25.90
N SER B 213 -3.38 -9.45 27.08
CA SER B 213 -3.84 -8.59 28.20
C SER B 213 -3.57 -7.16 27.83
N TRP B 214 -4.25 -6.25 28.51
CA TRP B 214 -3.93 -4.84 28.40
C TRP B 214 -2.55 -4.59 29.00
N GLU B 215 -1.81 -3.64 28.41
CA GLU B 215 -0.50 -3.22 28.91
CA GLU B 215 -0.53 -3.21 28.95
C GLU B 215 -0.44 -1.71 28.89
N SER B 216 0.21 -1.12 29.91
CA SER B 216 0.42 0.30 29.97
C SER B 216 1.75 0.76 29.36
N LEU B 217 1.69 1.79 28.53
CA LEU B 217 2.89 2.50 28.06
C LEU B 217 3.15 3.77 28.88
N ASN B 218 2.47 3.93 30.02
CA ASN B 218 2.68 5.05 30.94
C ASN B 218 2.43 6.39 30.28
N GLY B 219 3.07 7.43 30.78
CA GLY B 219 2.88 8.78 30.29
C GLY B 219 1.58 9.36 30.83
N ILE B 220 1.38 10.64 30.59
CA ILE B 220 0.11 11.32 30.85
C ILE B 220 -0.28 11.96 29.55
N ILE B 221 -1.41 11.54 28.98
CA ILE B 221 -1.84 12.11 27.69
C ILE B 221 -3.15 12.87 27.81
N THR B 222 -3.23 13.95 27.04
CA THR B 222 -4.33 14.89 27.09
C THR B 222 -4.93 15.13 25.67
N SER B 223 -4.72 14.15 24.79
CA SER B 223 -5.41 14.04 23.48
C SER B 223 -5.67 12.57 23.25
N ASP B 224 -6.50 12.28 22.24
CA ASP B 224 -6.61 10.93 21.71
C ASP B 224 -5.21 10.52 21.22
N PRO B 225 -4.86 9.22 21.31
CA PRO B 225 -3.60 8.83 20.69
C PRO B 225 -3.75 8.73 19.16
N VAL B 226 -2.65 9.00 18.46
CA VAL B 226 -2.59 8.94 17.01
C VAL B 226 -1.52 7.93 16.67
N VAL B 227 -1.84 6.92 15.85
CA VAL B 227 -0.84 5.87 15.50
C VAL B 227 -0.59 5.77 13.99
N ILE B 228 0.66 5.50 13.64
CA ILE B 228 1.11 5.33 12.26
C ILE B 228 2.15 4.22 12.24
N ASP B 229 2.33 3.58 11.09
CA ASP B 229 3.43 2.62 10.90
C ASP B 229 4.54 3.34 10.18
N THR B 230 5.78 3.10 10.62
CA THR B 230 6.98 3.67 9.97
C THR B 230 7.39 2.88 8.72
N ALA B 231 8.31 3.43 7.93
CA ALA B 231 8.84 2.74 6.76
C ALA B 231 9.49 1.43 7.14
N ASP B 232 10.05 1.38 8.34
CA ASP B 232 10.72 0.18 8.83
C ASP B 232 9.88 -0.76 9.69
N GLY B 233 8.57 -0.59 9.61
CA GLY B 233 7.65 -1.59 10.12
C GLY B 233 7.38 -1.51 11.60
N ARG B 234 7.40 -0.30 12.17
CA ARG B 234 7.26 -0.11 13.61
C ARG B 234 6.03 0.78 13.85
N LEU B 235 5.27 0.46 14.88
CA LEU B 235 4.21 1.34 15.33
C LEU B 235 4.80 2.47 16.14
N GLU B 236 4.31 3.67 15.84
CA GLU B 236 4.74 4.88 16.52
C GLU B 236 3.49 5.68 16.90
N VAL B 237 3.41 6.10 18.17
CA VAL B 237 2.21 6.74 18.72
C VAL B 237 2.52 8.17 19.14
N PHE B 238 1.65 9.12 18.77
CA PHE B 238 1.75 10.55 19.07
C PHE B 238 0.56 10.98 19.95
N ALA B 239 0.81 11.86 20.92
CA ALA B 239 -0.26 12.36 21.79
C ALA B 239 0.20 13.64 22.40
N ARG B 240 -0.77 14.50 22.73
CA ARG B 240 -0.46 15.69 23.49
C ARG B 240 -0.17 15.24 24.92
N GLY B 241 0.81 15.88 25.54
CA GLY B 241 1.17 15.55 26.93
C GLY B 241 0.52 16.51 27.92
N ALA B 242 0.67 16.20 29.21
CA ALA B 242 0.18 17.06 30.32
C ALA B 242 0.74 18.50 30.30
N ASP B 243 1.90 18.69 29.69
CA ASP B 243 2.50 20.02 29.43
C ASP B 243 2.07 20.68 28.11
N ASN B 244 1.08 20.11 27.42
CA ASN B 244 0.68 20.54 26.05
C ASN B 244 1.74 20.52 24.96
N ALA B 245 2.81 19.76 25.17
CA ALA B 245 3.77 19.47 24.13
C ALA B 245 3.25 18.26 23.35
N LEU B 246 3.73 18.11 22.13
CA LEU B 246 3.60 16.86 21.37
C LEU B 246 4.65 15.83 21.85
N TRP B 247 4.19 14.65 22.25
CA TRP B 247 5.05 13.55 22.66
C TRP B 247 4.83 12.37 21.71
N HIS B 248 5.83 11.50 21.63
CA HIS B 248 5.72 10.24 20.91
C HIS B 248 6.52 9.12 21.55
N ILE B 249 6.19 7.91 21.11
CA ILE B 249 6.76 6.70 21.65
C ILE B 249 6.60 5.65 20.54
N TRP B 250 7.57 4.73 20.45
CA TRP B 250 7.59 3.75 19.35
C TRP B 250 8.05 2.36 19.75
N GLN B 251 7.66 1.38 18.94
CA GLN B 251 8.24 0.03 19.02
C GLN B 251 9.70 0.16 18.67
N THR B 252 10.58 -0.53 19.41
CA THR B 252 12.04 -0.46 19.13
C THR B 252 12.45 -1.40 18.03
N ILE B 253 11.79 -2.53 17.96
CA ILE B 253 12.13 -3.57 16.99
C ILE B 253 10.88 -3.65 16.14
N SER B 254 11.06 -4.03 14.88
CA SER B 254 9.93 -4.10 13.95
C SER B 254 8.84 -5.04 14.52
N HIS B 255 7.58 -4.56 14.51
CA HIS B 255 6.38 -5.26 15.13
C HIS B 255 6.56 -5.86 16.54
N SER B 256 7.37 -5.23 17.39
CA SER B 256 7.70 -5.80 18.70
C SER B 256 8.14 -4.75 19.71
N GLY B 257 7.82 -5.03 20.97
CA GLY B 257 8.48 -4.35 22.11
C GLY B 257 9.92 -4.82 22.38
N PRO B 258 10.57 -4.31 23.42
CA PRO B 258 10.02 -3.26 24.32
C PRO B 258 9.85 -1.93 23.59
N TRP B 259 8.95 -1.06 24.06
CA TRP B 259 8.82 0.25 23.42
C TRP B 259 9.91 1.21 23.89
N SER B 260 10.07 2.30 23.16
CA SER B 260 11.05 3.32 23.47
C SER B 260 10.63 4.01 24.77
N GLY B 261 11.40 4.99 25.23
CA GLY B 261 10.81 5.88 26.25
C GLY B 261 9.78 6.77 25.55
N TRP B 262 8.93 7.46 26.29
CA TRP B 262 8.30 8.66 25.75
C TRP B 262 9.37 9.68 25.44
N GLN B 263 9.27 10.38 24.32
CA GLN B 263 10.20 11.44 23.96
C GLN B 263 9.33 12.62 23.57
N SER B 264 9.79 13.83 23.91
CA SER B 264 9.02 15.05 23.60
C SER B 264 9.45 15.63 22.27
N LEU B 265 8.48 16.09 21.48
CA LEU B 265 8.76 16.87 20.28
C LEU B 265 8.43 18.34 20.56
N ASN B 266 8.25 18.68 21.84
CA ASN B 266 8.10 20.07 22.26
C ASN B 266 6.86 20.71 21.61
N GLY B 267 6.89 22.03 21.44
CA GLY B 267 5.74 22.82 21.03
C GLY B 267 4.75 23.05 22.16
N VAL B 268 3.79 23.93 21.90
CA VAL B 268 2.63 24.12 22.76
C VAL B 268 1.40 24.07 21.84
N ILE B 269 0.58 23.03 22.01
CA ILE B 269 -0.47 22.74 21.05
C ILE B 269 -1.86 22.71 21.69
N THR B 270 -2.83 23.21 20.93
CA THR B 270 -4.19 23.37 21.41
C THR B 270 -5.21 22.51 20.64
N SER B 271 -4.75 21.39 20.06
CA SER B 271 -5.62 20.39 19.43
C SER B 271 -4.93 19.05 19.43
N ALA B 272 -5.71 18.01 19.08
CA ALA B 272 -5.15 16.71 18.75
C ALA B 272 -4.12 16.91 17.63
N PRO B 273 -3.04 16.11 17.64
CA PRO B 273 -2.13 16.13 16.51
C PRO B 273 -2.66 15.26 15.35
N ALA B 274 -2.20 15.52 14.13
CA ALA B 274 -2.39 14.64 12.97
C ALA B 274 -1.00 14.32 12.42
N VAL B 275 -0.78 13.09 11.96
CA VAL B 275 0.53 12.66 11.48
C VAL B 275 0.36 11.95 10.16
N ALA B 276 1.24 12.24 9.21
CA ALA B 276 1.21 11.57 7.90
C ALA B 276 2.61 11.34 7.39
N LYS B 277 2.76 10.44 6.43
CA LYS B 277 4.07 10.17 5.82
C LYS B 277 4.19 10.95 4.52
N ASN B 278 5.31 11.65 4.38
CA ASN B 278 5.71 12.19 3.09
C ASN B 278 5.98 11.01 2.13
N CYS B 279 6.13 11.29 0.85
CA CYS B 279 6.27 10.19 -0.12
C CYS B 279 7.61 9.46 0.03
N ASP B 280 8.60 10.13 0.62
CA ASP B 280 9.86 9.47 1.04
C ASP B 280 9.82 8.87 2.45
N ASN B 281 8.60 8.66 2.97
CA ASN B 281 8.35 8.10 4.30
C ASN B 281 8.72 8.97 5.53
N ARG B 282 9.21 10.19 5.36
CA ARG B 282 9.50 11.07 6.51
C ARG B 282 8.19 11.43 7.18
N LEU B 283 8.09 11.17 8.47
CA LEU B 283 6.90 11.53 9.25
C LEU B 283 6.76 13.03 9.40
N GLU B 284 5.54 13.53 9.45
CA GLU B 284 5.28 14.97 9.62
C GLU B 284 4.03 15.12 10.47
N ALA B 285 4.13 15.89 11.54
CA ALA B 285 3.05 16.06 12.50
C ALA B 285 2.50 17.48 12.42
N PHE B 286 1.21 17.60 12.70
CA PHE B 286 0.43 18.84 12.53
C PHE B 286 -0.42 19.02 13.75
N ALA B 287 -0.57 20.26 14.21
CA ALA B 287 -1.44 20.54 15.34
C ALA B 287 -1.71 22.04 15.38
N ARG B 288 -2.83 22.40 16.01
CA ARG B 288 -3.14 23.78 16.20
C ARG B 288 -2.24 24.29 17.34
N GLY B 289 -1.74 25.50 17.16
CA GLY B 289 -0.94 26.17 18.19
C GLY B 289 -1.73 27.08 19.11
N THR B 290 -1.01 27.70 20.05
CA THR B 290 -1.61 28.60 21.05
C THR B 290 -2.26 29.83 20.41
N ASP B 291 -1.73 30.22 19.25
CA ASP B 291 -2.26 31.32 18.43
C ASP B 291 -3.38 30.91 17.48
N ASN B 292 -3.88 29.68 17.64
CA ASN B 292 -4.86 29.06 16.76
C ASN B 292 -4.49 28.91 15.28
N ALA B 293 -3.21 29.04 14.96
CA ALA B 293 -2.75 28.77 13.62
C ALA B 293 -2.44 27.27 13.50
N LEU B 294 -2.29 26.82 12.25
CA LEU B 294 -1.73 25.48 11.96
C LEU B 294 -0.21 25.50 12.08
N TRP B 295 0.32 24.62 12.91
CA TRP B 295 1.78 24.40 13.04
C TRP B 295 2.17 22.99 12.63
N HIS B 296 3.41 22.82 12.18
CA HIS B 296 3.93 21.47 11.86
C HIS B 296 5.43 21.31 12.16
N THR B 297 5.83 20.06 12.35
CA THR B 297 7.23 19.64 12.49
C THR B 297 7.38 18.32 11.71
N TRP B 298 8.54 18.13 11.07
CA TRP B 298 8.79 16.97 10.20
C TRP B 298 10.15 16.32 10.46
N GLN B 299 10.24 15.03 10.15
CA GLN B 299 11.55 14.38 10.03
C GLN B 299 12.40 15.01 8.92
N THR B 300 13.68 15.22 9.21
CA THR B 300 14.62 15.78 8.24
C THR B 300 15.53 14.66 7.81
N VAL B 301 16.16 14.88 6.66
CA VAL B 301 17.09 13.95 6.00
C VAL B 301 16.35 12.75 5.42
N SER B 302 15.82 11.91 6.28
CA SER B 302 15.18 10.66 5.84
C SER B 302 14.20 10.22 6.90
N HIS B 303 13.55 9.08 6.66
CA HIS B 303 12.61 8.56 7.61
C HIS B 303 13.24 8.10 8.93
N SER B 304 14.56 7.97 9.00
CA SER B 304 15.20 7.74 10.30
C SER B 304 15.85 9.02 10.88
N GLY B 305 15.49 10.21 10.37
CA GLY B 305 16.14 11.43 10.77
C GLY B 305 15.52 12.15 11.97
N PRO B 306 16.24 13.14 12.49
CA PRO B 306 15.74 13.94 13.60
C PRO B 306 14.68 14.93 13.11
N TRP B 307 13.81 15.29 14.04
CA TRP B 307 12.67 16.15 13.75
C TRP B 307 13.07 17.63 13.72
N SER B 308 12.46 18.37 12.80
CA SER B 308 12.70 19.79 12.67
C SER B 308 12.12 20.55 13.86
N SER B 309 12.42 21.85 13.87
CA SER B 309 11.72 22.78 14.71
C SER B 309 10.30 22.91 14.20
N TRP B 310 9.41 23.26 15.11
CA TRP B 310 8.03 23.64 14.75
C TRP B 310 8.00 24.91 13.91
N GLN B 311 7.19 24.91 12.85
CA GLN B 311 7.03 26.05 11.95
C GLN B 311 5.53 26.32 11.75
N SER B 312 5.16 27.57 11.40
CA SER B 312 3.76 27.93 11.27
C SER B 312 3.31 27.84 9.84
N LEU B 313 2.10 27.35 9.64
CA LEU B 313 1.42 27.37 8.34
C LEU B 313 0.26 28.37 8.32
N ASN B 314 0.21 29.23 9.34
CA ASN B 314 -0.76 30.32 9.44
C ASN B 314 -2.22 29.81 9.61
N GLY B 315 -3.19 30.62 9.19
CA GLY B 315 -4.62 30.29 9.30
C GLY B 315 -5.09 30.57 10.71
N VAL B 316 -6.40 30.60 10.89
CA VAL B 316 -7.00 30.57 12.19
C VAL B 316 -7.99 29.42 12.11
N ILE B 317 -7.80 28.40 12.94
CA ILE B 317 -8.58 27.18 12.78
C ILE B 317 -9.32 26.83 14.05
N THR B 318 -10.48 26.20 13.87
CA THR B 318 -11.42 25.86 14.95
C THR B 318 -11.66 24.35 15.07
N SER B 319 -10.70 23.55 14.59
CA SER B 319 -10.65 22.10 14.79
C SER B 319 -9.18 21.67 14.80
N ALA B 320 -8.92 20.41 15.13
CA ALA B 320 -7.62 19.81 14.83
C ALA B 320 -7.47 19.70 13.33
N PRO B 321 -6.21 19.71 12.83
CA PRO B 321 -6.01 19.49 11.43
C PRO B 321 -6.16 18.00 11.06
N THR B 322 -6.59 17.75 9.81
CA THR B 322 -6.60 16.40 9.20
C THR B 322 -5.58 16.37 8.05
N ALA B 323 -4.61 15.46 8.10
CA ALA B 323 -3.52 15.38 7.11
C ALA B 323 -3.53 14.06 6.34
N VAL B 324 -3.19 14.12 5.06
CA VAL B 324 -3.23 12.95 4.17
C VAL B 324 -2.28 13.22 3.03
N ARG B 325 -1.66 12.16 2.52
CA ARG B 325 -0.81 12.25 1.34
C ARG B 325 -1.70 11.98 0.13
N ASP B 326 -1.65 12.89 -0.83
CA ASP B 326 -2.39 12.77 -2.10
C ASP B 326 -1.64 11.94 -3.17
N ALA B 327 -2.25 11.76 -4.32
CA ALA B 327 -1.70 10.89 -5.36
C ALA B 327 -0.52 11.51 -6.13
N ASP B 328 -0.18 12.77 -5.85
CA ASP B 328 1.09 13.37 -6.31
C ASP B 328 2.18 13.23 -5.26
N GLY B 329 1.90 12.51 -4.17
CA GLY B 329 2.87 12.34 -3.10
C GLY B 329 3.03 13.58 -2.23
N ARG B 330 2.10 14.52 -2.31
CA ARG B 330 2.15 15.71 -1.47
C ARG B 330 1.17 15.63 -0.30
N LEU B 331 1.56 16.23 0.82
CA LEU B 331 0.65 16.32 1.95
C LEU B 331 -0.37 17.46 1.75
N GLU B 332 -1.60 17.17 2.14
CA GLU B 332 -2.68 18.13 2.13
C GLU B 332 -3.29 18.13 3.53
N VAL B 333 -3.58 19.33 4.05
CA VAL B 333 -4.12 19.45 5.40
C VAL B 333 -5.46 20.19 5.40
N PHE B 334 -6.43 19.59 6.06
CA PHE B 334 -7.78 20.14 6.17
C PHE B 334 -8.01 20.64 7.59
N ALA B 335 -8.74 21.74 7.72
CA ALA B 335 -9.17 22.17 9.05
C ALA B 335 -10.35 23.12 8.96
N ARG B 336 -11.21 23.10 9.97
CA ARG B 336 -12.33 24.01 10.01
C ARG B 336 -11.83 25.44 10.31
N GLY B 337 -12.40 26.41 9.62
CA GLY B 337 -12.11 27.84 9.82
C GLY B 337 -13.06 28.54 10.78
N THR B 338 -12.81 29.84 10.96
CA THR B 338 -13.66 30.71 11.80
C THR B 338 -15.10 30.86 11.31
N ASP B 339 -15.31 30.71 10.00
CA ASP B 339 -16.65 30.68 9.38
C ASP B 339 -17.27 29.26 9.33
N ASN B 340 -16.70 28.29 10.04
CA ASN B 340 -17.15 26.88 10.03
C ASN B 340 -17.10 26.13 8.68
N ALA B 341 -16.49 26.74 7.67
CA ALA B 341 -16.17 26.04 6.45
C ALA B 341 -14.94 25.15 6.65
N LEU B 342 -14.76 24.20 5.73
CA LEU B 342 -13.53 23.41 5.72
C LEU B 342 -12.53 24.13 4.85
N TRP B 343 -11.32 24.35 5.39
CA TRP B 343 -10.24 24.95 4.61
C TRP B 343 -9.09 24.00 4.38
N LEU B 344 -8.27 24.33 3.40
CA LEU B 344 -7.27 23.44 2.83
C LEU B 344 -5.99 24.18 2.48
N THR B 345 -4.87 23.62 2.90
CA THR B 345 -3.53 24.00 2.40
C THR B 345 -2.75 22.73 2.03
N TRP B 346 -1.85 22.83 1.06
CA TRP B 346 -0.99 21.71 0.64
C TRP B 346 0.46 22.07 0.41
N GLN B 347 1.33 21.07 0.46
CA GLN B 347 2.74 21.21 0.12
C GLN B 347 2.93 21.56 -1.32
N THR B 348 3.86 22.49 -1.57
CA THR B 348 4.36 22.78 -2.93
C THR B 348 5.88 22.60 -2.92
N ALA B 349 6.47 22.74 -4.10
CA ALA B 349 7.94 22.75 -4.27
C ALA B 349 8.67 23.61 -3.22
N SER B 350 8.37 24.90 -3.25
CA SER B 350 9.07 25.91 -2.46
C SER B 350 8.54 26.08 -1.05
N SER B 351 7.23 25.93 -0.90
CA SER B 351 6.53 26.44 0.28
C SER B 351 5.29 25.54 0.55
N TRP B 352 4.25 26.12 1.14
CA TRP B 352 2.92 25.52 1.19
C TRP B 352 1.99 26.49 0.48
N SER B 353 0.93 25.96 -0.12
CA SER B 353 -0.07 26.78 -0.79
C SER B 353 -0.78 27.70 0.19
N PRO B 354 -1.34 28.81 -0.31
CA PRO B 354 -2.16 29.62 0.62
C PRO B 354 -3.41 28.84 1.05
N TRP B 355 -3.99 29.18 2.18
CA TRP B 355 -5.27 28.57 2.59
C TRP B 355 -6.36 28.87 1.57
N ILE B 356 -7.12 27.83 1.18
CA ILE B 356 -8.30 27.99 0.32
C ILE B 356 -9.51 27.35 1.00
N SER B 357 -10.70 27.91 0.73
CA SER B 357 -11.93 27.41 1.36
C SER B 357 -12.62 26.44 0.45
N LEU B 358 -13.03 25.31 1.01
CA LEU B 358 -13.92 24.36 0.35
C LEU B 358 -15.38 24.60 0.72
N GLY B 359 -15.65 25.61 1.54
CA GLY B 359 -17.01 25.98 1.86
C GLY B 359 -17.65 25.03 2.83
N GLY B 360 -18.97 25.05 2.86
CA GLY B 360 -19.74 24.23 3.79
C GLY B 360 -19.81 24.82 5.17
N VAL B 361 -20.66 24.21 5.99
CA VAL B 361 -20.74 24.49 7.42
C VAL B 361 -20.65 23.16 8.15
N LEU B 362 -19.57 22.96 8.92
CA LEU B 362 -19.30 21.71 9.62
C LEU B 362 -19.38 21.88 11.12
N ILE B 363 -19.96 20.87 11.78
CA ILE B 363 -20.02 20.82 13.25
C ILE B 363 -19.12 19.71 13.74
N ASP B 364 -18.72 19.81 14.99
CA ASP B 364 -17.88 18.83 15.63
C ASP B 364 -18.85 17.90 16.35
N ALA B 365 -19.04 16.71 15.80
CA ALA B 365 -19.95 15.72 16.37
C ALA B 365 -19.21 14.64 17.20
N SER B 366 -17.95 14.92 17.59
CA SER B 366 -17.16 13.97 18.37
C SER B 366 -17.94 13.46 19.60
N ALA B 367 -17.90 12.16 19.81
CA ALA B 367 -18.64 11.52 20.88
C ALA B 367 -17.96 11.73 22.25
N ILE B 368 -16.66 12.00 22.22
CA ILE B 368 -15.88 12.28 23.43
C ILE B 368 -15.21 13.61 23.21
N LYS B 369 -15.49 14.56 24.10
CA LYS B 369 -14.85 15.87 24.10
C LYS B 369 -14.16 16.13 25.45
#